data_8ZIY
#
_entry.id   8ZIY
#
_cell.length_a   1.00
_cell.length_b   1.00
_cell.length_c   1.00
_cell.angle_alpha   90.00
_cell.angle_beta   90.00
_cell.angle_gamma   90.00
#
_symmetry.space_group_name_H-M   'P 1'
#
loop_
_entity.id
_entity.type
_entity.pdbx_description
1 polymer 'Serine protease 1'
2 polymer 'Enteropeptidase catalytic light chain'
3 polymer 'Enteropeptidase non-catalytic heavy chain'
4 branched beta-D-mannopyranose-(1-4)-2-acetamido-2-deoxy-beta-D-glucopyranose-(1-4)-2-acetamido-2-deoxy-beta-D-glucopyranose
5 branched 2-acetamido-2-deoxy-beta-D-glucopyranose-(1-4)-2-acetamido-2-deoxy-beta-D-glucopyranose
6 branched alpha-D-mannopyranose-(1-3)-beta-D-mannopyranose-(1-4)-2-acetamido-2-deoxy-beta-D-glucopyranose-(1-4)-2-acetamido-2-deoxy-beta-D-glucopyranose
7 branched alpha-D-mannopyranose-(1-3)-beta-D-mannopyranose-(1-4)-2-acetamido-2-deoxy-beta-D-glucopyranose-(1-6)-2-acetamido-2-deoxy-beta-D-glucopyranose
8 branched alpha-D-mannopyranose-(1-6)-beta-D-mannopyranose-(1-4)-2-acetamido-2-deoxy-beta-D-glucopyranose-(1-4)-2-acetamido-2-deoxy-beta-D-glucopyranose
9 branched beta-D-mannopyranose-(1-4)-2-acetamido-2-deoxy-beta-D-glucopyranose-(1-6)-2-acetamido-2-deoxy-beta-D-glucopyranose
10 non-polymer 2-acetamido-2-deoxy-beta-D-glucopyranose
#
loop_
_entity_poly.entity_id
_entity_poly.type
_entity_poly.pdbx_seq_one_letter_code
_entity_poly.pdbx_strand_id
1 'polypeptide(L)'
;APFDDDDKIVGGYNCEENSVPYQVSLNSGYHFCGGSLINEQWVVSAGHCYKSRIQVRLGEHNIEVLEGNEQFINAAKIIR
HPQYDRKTLNNDIMLIKLSSRAVINARVSTISLPTAPPATGTKCLISGWGNTASSGADYPDELQCLDAPVLSQAKCEASY
PGKITSNMFCVGFLEGGKDSCQGDSGGPVVCNGQLQGVVSWGDGCAQKNKPGVYTKVYNYVKWIKNTIAANS
;
C
2 'polypeptide(L)'
;IVGGSNAKEGAWPWVVGLYYGGRLLCGASLVSSDWLVSAAACVYGRNLEPSKWTAILGLHMKSNLTSPQTVPRLIDEIVI
NPHYNRRRKDNAIAMMHLEFKVNYTDYIQPICLPEENQVFPPGRNCSIAGWGTVVYQGTTANILQEADVPLLSNERCQQQ
MPEYNITENMICAGYEEGGIDSCQGDAGGPLMCQENNRWFLAGVTSFGYKCALPNRPGVYARVSRFTEWIQSFLH
;
D
3 'polypeptide(L)'
;IECLPGSSPCTDALTCIKADLFCDGEVNCPDGSDEDNKMCATVCDGRFLLTGSSGSFQATHYPKPSETSVVCQWIIRVNQ
GLSIKLSFDDFNTYYTDILDIYEGVGSSKILRASIWETNPGTIRIFSNQVTATFLIESDESDYVGFNATYTAFNSSELNN
YEKINCNFEDGFCFWVQDLNDDNEWERIQGSTFSPFTGPNFDHTFGNASGFYISTPTGPGGRQERVGLLSLPLDPTLEPA
CLSFWYHMYGENVHKLSINISNDQNMEKTVFQKEGNYGDNWNYGQVTLNETVKFKVAFNAFKNKILSDIALDDISLTYGI
CNGSLYPEPTLVPTPPPELPTDCGGPFELWEPNTTFSSTNFPNSYPNLAFCVWILNAQKGKNIQLHFQEFDLANINDVVE
IRDGEEADSLLLAVYTGPGPVKDVFSTTNRMTVLLITNDVLARGGFKANFTTGYHLGIPEPCKADHFQCKNGECVPLVNL
CDGHLHCEDGSDEADCVRFFNGTTNNNGLVRFRIQSIWHTACAENWTTQISNDVCQLLGLGSGNSSKPIFPTDGGPFVKL
NTAPDGHLILTPSQQCLQDSLIRLQCNHKSCGKKLAAQDITPK
;
A
#
# COMPACT_ATOMS: atom_id res chain seq x y z
N ALA A 1 4.73 -19.58 -8.47
CA ALA A 1 3.40 -19.11 -8.83
C ALA A 1 3.31 -17.59 -8.75
N PRO A 2 2.96 -16.95 -9.87
CA PRO A 2 2.82 -15.49 -9.90
C PRO A 2 1.54 -14.99 -9.25
N PHE A 3 1.57 -14.89 -7.92
CA PHE A 3 0.39 -14.43 -7.18
C PHE A 3 0.11 -12.96 -7.46
N ASP A 4 1.07 -12.09 -7.20
CA ASP A 4 0.86 -10.65 -7.40
C ASP A 4 1.06 -10.26 -8.86
N ASP A 5 2.26 -10.45 -9.39
CA ASP A 5 2.57 -10.05 -10.75
C ASP A 5 3.78 -10.82 -11.22
N ASP A 6 3.93 -10.92 -12.55
CA ASP A 6 5.07 -11.58 -13.16
C ASP A 6 6.14 -10.58 -13.60
N ASP A 7 5.99 -9.31 -13.26
CA ASP A 7 6.94 -8.27 -13.59
C ASP A 7 7.33 -7.52 -12.32
N LYS A 8 8.38 -6.70 -12.44
CA LYS A 8 8.90 -5.96 -11.29
C LYS A 8 8.08 -4.68 -11.10
N ILE A 9 6.84 -4.87 -10.67
CA ILE A 9 5.92 -3.77 -10.38
C ILE A 9 5.47 -3.90 -8.93
N VAL A 10 5.65 -2.84 -8.16
CA VAL A 10 5.27 -2.83 -6.75
C VAL A 10 4.17 -1.84 -6.44
N GLY A 11 3.78 -0.99 -7.39
CA GLY A 11 2.73 -0.03 -7.18
C GLY A 11 3.16 1.24 -6.45
N GLY A 12 4.44 1.40 -6.16
CA GLY A 12 4.90 2.58 -5.46
C GLY A 12 4.48 2.66 -4.01
N TYR A 13 4.24 1.52 -3.37
CA TYR A 13 3.82 1.52 -1.98
C TYR A 13 4.95 2.00 -1.08
N ASN A 14 4.60 2.82 -0.08
CA ASN A 14 5.59 3.38 0.81
C ASN A 14 6.22 2.29 1.67
N CYS A 15 7.53 2.46 1.94
CA CYS A 15 8.30 1.48 2.69
C CYS A 15 8.22 1.79 4.17
N GLU A 16 7.12 1.35 4.79
CA GLU A 16 6.91 1.42 6.24
C GLU A 16 7.04 2.86 6.75
N GLU A 17 6.11 3.70 6.29
CA GLU A 17 6.03 5.10 6.71
C GLU A 17 7.34 5.85 6.42
N ASN A 18 7.90 5.60 5.23
CA ASN A 18 9.11 6.30 4.82
C ASN A 18 8.77 7.77 4.55
N SER A 19 9.46 8.68 5.25
CA SER A 19 9.23 10.11 5.15
C SER A 19 7.81 10.51 5.51
N VAL A 20 7.11 9.67 6.28
CA VAL A 20 5.75 9.98 6.75
C VAL A 20 5.72 9.79 8.26
N PRO A 21 6.25 10.74 9.04
CA PRO A 21 6.35 10.55 10.49
C PRO A 21 5.10 10.95 11.27
N TYR A 22 3.97 11.19 10.60
CA TYR A 22 2.75 11.62 11.27
C TYR A 22 1.67 10.53 11.26
N GLN A 23 2.09 9.27 11.38
CA GLN A 23 1.17 8.14 11.42
C GLN A 23 1.33 7.40 12.74
N VAL A 24 0.21 7.12 13.40
CA VAL A 24 0.18 6.35 14.63
C VAL A 24 -0.87 5.26 14.51
N SER A 25 -0.76 4.25 15.35
CA SER A 25 -1.66 3.10 15.34
C SER A 25 -2.28 2.92 16.72
N LEU A 26 -3.54 2.49 16.74
CA LEU A 26 -4.27 2.21 17.97
C LEU A 26 -4.42 0.71 18.13
N ASN A 27 -4.08 0.21 19.32
CA ASN A 27 -4.08 -1.22 19.58
C ASN A 27 -4.95 -1.53 20.79
N SER A 28 -5.76 -2.59 20.66
CA SER A 28 -6.56 -3.12 21.76
C SER A 28 -6.44 -4.64 21.76
N GLY A 29 -5.21 -5.13 21.63
CA GLY A 29 -4.95 -6.52 21.39
C GLY A 29 -4.73 -6.86 19.93
N TYR A 30 -5.18 -5.99 19.02
CA TYR A 30 -4.94 -6.15 17.60
C TYR A 30 -5.15 -4.79 16.94
N HIS A 31 -4.61 -4.64 15.74
CA HIS A 31 -4.76 -3.40 14.99
C HIS A 31 -6.20 -3.23 14.54
N PHE A 32 -6.83 -2.12 14.91
CA PHE A 32 -8.21 -1.87 14.54
C PHE A 32 -8.41 -0.48 13.95
N CYS A 33 -7.57 0.48 14.34
CA CYS A 33 -7.71 1.85 13.88
C CYS A 33 -6.33 2.50 13.82
N GLY A 34 -6.32 3.79 13.49
CA GLY A 34 -5.09 4.58 13.43
C GLY A 34 -5.45 6.04 13.55
N GLY A 35 -4.43 6.88 13.51
CA GLY A 35 -4.65 8.30 13.64
C GLY A 35 -3.43 9.10 13.24
N SER A 36 -3.49 10.40 13.50
CA SER A 36 -2.43 11.34 13.17
C SER A 36 -1.94 12.03 14.43
N LEU A 37 -0.63 12.21 14.53
CA LEU A 37 -0.01 12.85 15.69
C LEU A 37 -0.08 14.36 15.48
N ILE A 38 -1.14 14.97 16.03
CA ILE A 38 -1.32 16.42 15.85
C ILE A 38 -0.26 17.18 16.63
N ASN A 39 0.05 16.75 17.85
CA ASN A 39 1.07 17.38 18.67
C ASN A 39 1.75 16.31 19.50
N GLU A 40 2.66 16.74 20.38
CA GLU A 40 3.47 15.80 21.16
C GLU A 40 2.67 15.07 22.23
N GLN A 41 1.44 15.50 22.53
CA GLN A 41 0.67 14.87 23.59
C GLN A 41 -0.76 14.54 23.17
N TRP A 42 -1.10 14.68 21.90
CA TRP A 42 -2.46 14.41 21.45
C TRP A 42 -2.43 13.79 20.05
N VAL A 43 -3.49 13.03 19.74
CA VAL A 43 -3.68 12.44 18.43
C VAL A 43 -5.11 12.70 17.98
N VAL A 44 -5.32 12.61 16.67
CA VAL A 44 -6.63 12.83 16.06
C VAL A 44 -7.01 11.58 15.29
N SER A 45 -8.22 11.08 15.55
CA SER A 45 -8.71 9.87 14.89
C SER A 45 -10.23 9.91 14.84
N ALA A 46 -10.79 9.03 14.01
CA ALA A 46 -12.23 8.95 13.86
C ALA A 46 -12.88 8.49 15.16
N GLY A 47 -14.08 9.03 15.43
CA GLY A 47 -14.74 8.81 16.70
C GLY A 47 -15.38 7.45 16.87
N HIS A 48 -15.40 6.63 15.83
CA HIS A 48 -15.98 5.30 15.90
C HIS A 48 -15.00 4.25 16.40
N CYS A 49 -13.80 4.65 16.79
CA CYS A 49 -12.77 3.74 17.28
C CYS A 49 -12.72 3.66 18.79
N TYR A 50 -13.72 4.21 19.48
CA TYR A 50 -13.73 4.19 20.94
C TYR A 50 -13.72 2.76 21.46
N LYS A 51 -12.83 2.48 22.40
CA LYS A 51 -12.70 1.17 23.00
C LYS A 51 -12.42 1.32 24.48
N SER A 52 -12.67 0.25 25.23
CA SER A 52 -12.41 0.27 26.67
C SER A 52 -10.93 0.48 26.97
N ARG A 53 -10.06 -0.20 26.24
CA ARG A 53 -8.62 -0.05 26.38
C ARG A 53 -8.02 0.19 25.00
N ILE A 54 -7.26 1.27 24.88
CA ILE A 54 -6.61 1.64 23.62
C ILE A 54 -5.14 1.88 23.88
N GLN A 55 -4.29 1.25 23.08
CA GLN A 55 -2.84 1.43 23.15
C GLN A 55 -2.38 2.13 21.89
N VAL A 56 -1.67 3.24 22.05
CA VAL A 56 -1.22 4.07 20.93
C VAL A 56 0.21 3.70 20.58
N ARG A 57 0.42 3.28 19.34
CA ARG A 57 1.74 2.95 18.81
C ARG A 57 2.18 4.04 17.86
N LEU A 58 3.35 4.61 18.11
CA LEU A 58 3.90 5.70 17.31
C LEU A 58 5.05 5.20 16.47
N GLY A 59 5.03 5.52 15.18
CA GLY A 59 6.09 5.11 14.28
C GLY A 59 6.19 3.61 14.06
N GLU A 60 5.05 2.94 13.90
CA GLU A 60 5.05 1.50 13.66
C GLU A 60 5.37 1.21 12.21
N HIS A 61 6.36 0.33 11.98
CA HIS A 61 6.77 -0.07 10.64
C HIS A 61 6.15 -1.39 10.22
N ASN A 62 6.31 -2.43 11.04
CA ASN A 62 5.77 -3.75 10.76
C ASN A 62 4.84 -4.16 11.89
N ILE A 63 3.78 -4.89 11.53
CA ILE A 63 2.80 -5.31 12.53
C ILE A 63 3.41 -6.29 13.52
N GLU A 64 4.23 -7.22 13.03
CA GLU A 64 4.84 -8.25 13.86
C GLU A 64 6.28 -7.95 14.23
N VAL A 65 7.07 -7.39 13.31
CA VAL A 65 8.48 -7.12 13.55
C VAL A 65 8.62 -5.73 14.14
N LEU A 66 9.35 -5.63 15.25
CA LEU A 66 9.61 -4.36 15.90
C LEU A 66 11.04 -3.92 15.58
N GLU A 67 11.19 -2.72 15.03
CA GLU A 67 12.49 -2.19 14.65
C GLU A 67 13.14 -1.36 15.74
N GLY A 68 12.52 -1.23 16.91
CA GLY A 68 13.04 -0.44 17.99
C GLY A 68 12.72 1.04 17.92
N ASN A 69 12.05 1.50 16.87
CA ASN A 69 11.66 2.89 16.73
C ASN A 69 10.19 3.13 17.06
N GLU A 70 9.52 2.16 17.67
CA GLU A 70 8.11 2.24 17.99
C GLU A 70 7.93 2.58 19.46
N GLN A 71 7.08 3.56 19.75
CA GLN A 71 6.79 3.99 21.12
C GLN A 71 5.36 3.61 21.47
N PHE A 72 5.19 2.91 22.58
CA PHE A 72 3.89 2.46 23.05
C PHE A 72 3.42 3.38 24.17
N ILE A 73 2.28 4.04 23.96
CA ILE A 73 1.72 4.98 24.92
C ILE A 73 0.28 4.59 25.18
N ASN A 74 -0.08 4.48 26.46
CA ASN A 74 -1.46 4.16 26.83
C ASN A 74 -2.37 5.37 26.71
N ALA A 75 -3.65 5.10 26.50
CA ALA A 75 -4.65 6.17 26.33
C ALA A 75 -5.05 6.67 27.71
N ALA A 76 -4.38 7.72 28.18
CA ALA A 76 -4.70 8.28 29.49
C ALA A 76 -6.10 8.87 29.52
N LYS A 77 -6.48 9.60 28.47
CA LYS A 77 -7.79 10.23 28.40
C LYS A 77 -8.39 9.99 27.02
N ILE A 78 -9.70 9.73 26.99
CA ILE A 78 -10.44 9.53 25.75
C ILE A 78 -11.66 10.46 25.81
N ILE A 79 -11.72 11.42 24.88
CA ILE A 79 -12.81 12.38 24.82
C ILE A 79 -13.29 12.49 23.38
N ARG A 80 -14.60 12.42 23.18
CA ARG A 80 -15.22 12.57 21.88
C ARG A 80 -16.06 13.83 21.86
N HIS A 81 -16.40 14.28 20.65
CA HIS A 81 -17.22 15.47 20.50
C HIS A 81 -18.62 15.23 21.08
N PRO A 82 -19.16 16.20 21.83
CA PRO A 82 -20.51 16.02 22.40
C PRO A 82 -21.61 15.87 21.36
N GLN A 83 -21.40 16.38 20.15
CA GLN A 83 -22.41 16.31 19.09
C GLN A 83 -22.25 15.08 18.20
N TYR A 84 -21.31 14.19 18.51
CA TYR A 84 -21.11 12.98 17.72
C TYR A 84 -22.22 11.99 18.03
N ASP A 85 -23.05 11.71 17.02
CA ASP A 85 -24.15 10.77 17.20
C ASP A 85 -23.66 9.33 17.07
N ARG A 86 -24.24 8.46 17.89
CA ARG A 86 -23.93 7.04 17.82
C ARG A 86 -24.55 6.37 16.60
N LYS A 87 -25.59 6.98 16.03
CA LYS A 87 -26.26 6.44 14.85
C LYS A 87 -25.83 7.11 13.55
N THR A 88 -25.62 8.42 13.59
CA THR A 88 -25.16 9.19 12.42
C THR A 88 -23.67 9.49 12.58
N LEU A 89 -22.92 9.26 11.52
CA LEU A 89 -21.47 9.42 11.56
C LEU A 89 -21.02 10.86 11.36
N ASN A 90 -21.91 11.83 11.56
CA ASN A 90 -21.50 13.22 11.56
C ASN A 90 -20.60 13.50 12.76
N ASN A 91 -19.64 14.42 12.56
CA ASN A 91 -18.67 14.77 13.58
C ASN A 91 -17.86 13.56 14.02
N ASP A 92 -17.51 12.70 13.05
CA ASP A 92 -16.75 11.48 13.33
C ASP A 92 -15.29 11.84 13.56
N ILE A 93 -15.00 12.25 14.79
CA ILE A 93 -13.65 12.64 15.18
C ILE A 93 -13.55 12.54 16.70
N MET A 94 -12.42 12.00 17.16
CA MET A 94 -12.16 11.86 18.59
C MET A 94 -10.72 12.23 18.87
N LEU A 95 -10.45 12.63 20.12
CA LEU A 95 -9.12 12.98 20.57
C LEU A 95 -8.70 12.07 21.72
N ILE A 96 -7.47 11.57 21.64
CA ILE A 96 -6.91 10.70 22.67
C ILE A 96 -5.64 11.37 23.20
N LYS A 97 -5.59 11.55 24.52
CA LYS A 97 -4.46 12.21 25.17
C LYS A 97 -3.41 11.17 25.53
N LEU A 98 -2.19 11.37 25.04
CA LEU A 98 -1.10 10.45 25.34
C LEU A 98 -0.66 10.61 26.79
N SER A 99 -0.46 9.48 27.48
CA SER A 99 -0.02 9.53 28.87
C SER A 99 1.42 10.04 29.01
N SER A 100 2.22 9.95 27.96
CA SER A 100 3.60 10.41 27.99
C SER A 100 3.88 11.23 26.74
N ARG A 101 4.84 12.14 26.85
CA ARG A 101 5.19 13.00 25.73
C ARG A 101 5.81 12.20 24.60
N ALA A 102 5.39 12.48 23.38
CA ALA A 102 5.91 11.77 22.22
C ALA A 102 7.37 12.14 21.97
N VAL A 103 8.12 11.17 21.46
CA VAL A 103 9.53 11.34 21.13
C VAL A 103 9.63 11.67 19.65
N ILE A 104 10.22 12.82 19.34
CA ILE A 104 10.36 13.27 17.95
C ILE A 104 11.63 12.66 17.38
N ASN A 105 11.49 11.99 16.24
CA ASN A 105 12.62 11.38 15.55
C ASN A 105 12.35 11.38 14.05
N ALA A 106 13.13 10.61 13.31
CA ALA A 106 12.99 10.56 11.85
C ALA A 106 11.69 9.91 11.41
N ARG A 107 11.08 9.08 12.27
CA ARG A 107 9.85 8.39 11.91
C ARG A 107 8.66 8.79 12.77
N VAL A 108 8.85 9.64 13.77
CA VAL A 108 7.77 10.14 14.61
C VAL A 108 7.88 11.67 14.67
N SER A 109 6.83 12.36 14.24
CA SER A 109 6.82 13.81 14.27
C SER A 109 5.38 14.30 14.28
N THR A 110 5.21 15.56 14.65
CA THR A 110 3.89 16.17 14.72
C THR A 110 3.49 16.71 13.34
N ILE A 111 2.24 17.16 13.25
CA ILE A 111 1.70 17.73 12.02
C ILE A 111 1.09 19.09 12.34
N SER A 112 1.30 20.04 11.44
CA SER A 112 0.79 21.38 11.62
C SER A 112 -0.73 21.42 11.49
N LEU A 113 -1.37 22.19 12.35
CA LEU A 113 -2.82 22.32 12.30
C LEU A 113 -3.23 23.15 11.08
N PRO A 114 -4.23 22.71 10.32
CA PRO A 114 -4.65 23.46 9.13
C PRO A 114 -5.21 24.82 9.48
N THR A 115 -5.02 25.77 8.56
CA THR A 115 -5.58 27.11 8.70
C THR A 115 -6.61 27.45 7.63
N ALA A 116 -6.67 26.71 6.53
CA ALA A 116 -7.63 26.94 5.46
C ALA A 116 -7.93 25.61 4.78
N PRO A 117 -9.20 25.32 4.52
CA PRO A 117 -9.56 24.03 3.91
C PRO A 117 -9.30 24.04 2.41
N PRO A 118 -8.65 23.01 1.89
CA PRO A 118 -8.46 22.92 0.43
C PRO A 118 -9.79 22.65 -0.27
N ALA A 119 -9.86 23.08 -1.52
CA ALA A 119 -11.08 22.92 -2.31
C ALA A 119 -11.05 21.63 -3.12
N THR A 120 -10.06 21.50 -4.02
CA THR A 120 -9.93 20.30 -4.84
C THR A 120 -8.53 20.26 -5.43
N GLY A 121 -8.09 19.04 -5.76
CA GLY A 121 -6.81 18.84 -6.40
C GLY A 121 -5.60 18.85 -5.49
N THR A 122 -5.80 19.05 -4.19
CA THR A 122 -4.67 19.07 -3.26
C THR A 122 -4.17 17.66 -3.01
N LYS A 123 -2.87 17.46 -3.11
CA LYS A 123 -2.28 16.15 -2.88
C LYS A 123 -2.38 15.80 -1.40
N CYS A 124 -2.81 14.57 -1.11
CA CYS A 124 -2.98 14.11 0.26
C CYS A 124 -2.28 12.77 0.44
N LEU A 125 -1.78 12.54 1.65
CA LEU A 125 -1.14 11.27 2.00
C LEU A 125 -2.02 10.56 3.03
N ILE A 126 -2.45 9.35 2.70
CA ILE A 126 -3.32 8.55 3.56
C ILE A 126 -2.56 7.28 3.93
N SER A 127 -2.46 7.03 5.23
CA SER A 127 -1.72 5.88 5.75
C SER A 127 -2.70 4.91 6.41
N GLY A 128 -2.62 3.64 6.01
CA GLY A 128 -3.48 2.61 6.57
C GLY A 128 -2.97 1.22 6.29
N TRP A 129 -3.29 0.27 7.16
CA TRP A 129 -2.83 -1.12 7.00
C TRP A 129 -3.75 -1.84 6.02
N GLY A 130 -3.54 -1.54 4.75
CA GLY A 130 -4.29 -2.16 3.67
C GLY A 130 -3.63 -3.40 3.12
N ASN A 131 -3.90 -3.69 1.86
CA ASN A 131 -3.34 -4.85 1.17
C ASN A 131 -2.24 -4.37 0.22
N THR A 132 -1.00 -4.66 0.57
CA THR A 132 0.15 -4.28 -0.26
C THR A 132 0.52 -5.40 -1.24
N ALA A 133 -0.47 -5.86 -2.00
CA ALA A 133 -0.25 -6.91 -2.99
C ALA A 133 -1.34 -6.82 -4.04
N SER A 134 -1.04 -7.35 -5.23
CA SER A 134 -2.00 -7.32 -6.32
C SER A 134 -3.12 -8.33 -6.10
N SER A 135 -2.80 -9.53 -5.64
CA SER A 135 -3.80 -10.56 -5.39
C SER A 135 -3.27 -11.54 -4.36
N GLY A 136 -4.18 -12.30 -3.78
CA GLY A 136 -3.81 -13.29 -2.78
C GLY A 136 -4.93 -13.48 -1.79
N ALA A 137 -4.66 -14.32 -0.80
CA ALA A 137 -5.61 -14.65 0.27
C ALA A 137 -4.92 -14.60 1.63
N ASP A 138 -4.09 -13.57 1.84
CA ASP A 138 -3.38 -13.41 3.10
C ASP A 138 -3.29 -11.93 3.44
N TYR A 139 -3.04 -11.65 4.71
CA TYR A 139 -2.93 -10.28 5.18
C TYR A 139 -1.48 -9.86 5.18
N PRO A 140 -1.07 -8.91 4.33
CA PRO A 140 0.33 -8.50 4.31
C PRO A 140 0.73 -7.77 5.58
N ASP A 141 2.02 -7.90 5.93
CA ASP A 141 2.57 -7.26 7.11
C ASP A 141 3.07 -5.85 6.85
N GLU A 142 3.11 -5.41 5.60
CA GLU A 142 3.58 -4.07 5.27
C GLU A 142 2.50 -3.03 5.55
N LEU A 143 2.93 -1.79 5.66
CA LEU A 143 2.03 -0.66 5.93
C LEU A 143 1.83 0.12 4.63
N GLN A 144 0.58 0.30 4.24
CA GLN A 144 0.24 0.92 2.97
C GLN A 144 0.06 2.43 3.13
N CYS A 145 0.57 3.18 2.15
CA CYS A 145 0.40 4.63 2.13
C CYS A 145 0.34 5.07 0.68
N LEU A 146 -0.81 5.58 0.25
CA LEU A 146 -1.04 5.98 -1.13
C LEU A 146 -1.46 7.43 -1.21
N ASP A 147 -0.92 8.15 -2.18
CA ASP A 147 -1.29 9.54 -2.39
C ASP A 147 -2.69 9.64 -2.96
N ALA A 148 -3.34 10.79 -2.73
CA ALA A 148 -4.71 10.97 -3.18
C ALA A 148 -5.00 12.45 -3.37
N PRO A 149 -5.74 12.84 -4.41
CA PRO A 149 -6.12 14.24 -4.57
C PRO A 149 -7.36 14.59 -3.76
N VAL A 150 -7.88 15.79 -3.93
CA VAL A 150 -9.10 16.24 -3.27
C VAL A 150 -10.19 16.40 -4.33
N LEU A 151 -11.33 15.76 -4.09
CA LEU A 151 -12.48 15.91 -4.98
C LEU A 151 -13.32 17.12 -4.56
N SER A 152 -14.10 17.63 -5.51
CA SER A 152 -14.96 18.75 -5.22
C SER A 152 -16.05 18.37 -4.23
N GLN A 153 -16.47 19.35 -3.43
CA GLN A 153 -17.48 19.08 -2.41
C GLN A 153 -18.81 18.66 -3.03
N ALA A 154 -19.21 19.31 -4.12
CA ALA A 154 -20.49 18.99 -4.75
C ALA A 154 -20.51 17.56 -5.27
N LYS A 155 -19.43 17.14 -5.94
CA LYS A 155 -19.37 15.78 -6.47
C LYS A 155 -19.38 14.76 -5.35
N CYS A 156 -18.63 15.01 -4.28
CA CYS A 156 -18.59 14.09 -3.15
C CYS A 156 -19.96 13.97 -2.48
N GLU A 157 -20.66 15.09 -2.34
CA GLU A 157 -22.01 15.05 -1.75
C GLU A 157 -22.99 14.33 -2.66
N ALA A 158 -22.91 14.57 -3.98
CA ALA A 158 -23.87 13.98 -4.91
C ALA A 158 -23.62 12.50 -5.15
N SER A 159 -22.37 12.05 -5.00
CA SER A 159 -22.07 10.63 -5.25
C SER A 159 -22.80 9.73 -4.27
N TYR A 160 -22.85 10.11 -3.01
CA TYR A 160 -23.54 9.30 -2.01
C TYR A 160 -25.02 9.68 -1.95
N PRO A 161 -25.90 8.73 -1.64
CA PRO A 161 -27.33 9.03 -1.57
C PRO A 161 -27.70 9.86 -0.35
N GLY A 162 -27.23 11.11 -0.31
CA GLY A 162 -27.54 11.97 0.81
C GLY A 162 -26.86 11.58 2.11
N LYS A 163 -25.76 10.85 2.04
CA LYS A 163 -25.05 10.40 3.24
C LYS A 163 -23.84 11.27 3.57
N ILE A 164 -23.68 12.40 2.88
CA ILE A 164 -22.56 13.32 3.10
C ILE A 164 -23.10 14.60 3.72
N THR A 165 -22.52 14.99 4.85
CA THR A 165 -22.90 16.20 5.55
C THR A 165 -21.94 17.34 5.18
N SER A 166 -22.10 18.48 5.84
CA SER A 166 -21.23 19.62 5.58
C SER A 166 -19.81 19.43 6.09
N ASN A 167 -19.56 18.40 6.89
CA ASN A 167 -18.24 18.13 7.45
C ASN A 167 -17.61 16.86 6.90
N MET A 168 -18.03 16.43 5.71
CA MET A 168 -17.50 15.24 5.07
C MET A 168 -17.04 15.58 3.67
N PHE A 169 -15.96 14.93 3.23
CA PHE A 169 -15.43 15.15 1.89
C PHE A 169 -14.66 13.93 1.44
N CYS A 170 -14.61 13.72 0.13
CA CYS A 170 -13.96 12.56 -0.47
C CYS A 170 -12.51 12.90 -0.78
N VAL A 171 -11.59 12.03 -0.36
CA VAL A 171 -10.16 12.27 -0.56
C VAL A 171 -9.52 11.13 -1.33
N GLY A 172 -9.54 9.92 -0.76
CA GLY A 172 -8.77 8.81 -1.28
C GLY A 172 -9.63 7.78 -1.98
N PHE A 173 -9.02 7.06 -2.91
CA PHE A 173 -9.66 5.98 -3.65
C PHE A 173 -9.08 4.62 -3.33
N LEU A 174 -7.75 4.47 -3.45
CA LEU A 174 -7.04 3.25 -3.10
C LEU A 174 -7.57 2.05 -3.89
N GLU A 175 -7.40 2.12 -5.21
CA GLU A 175 -7.88 1.09 -6.10
C GLU A 175 -6.92 -0.11 -6.13
N GLY A 176 -7.27 -1.10 -6.93
CA GLY A 176 -6.41 -2.26 -7.10
C GLY A 176 -6.39 -3.17 -5.87
N GLY A 177 -5.39 -4.03 -5.83
CA GLY A 177 -5.21 -4.93 -4.72
C GLY A 177 -6.16 -6.12 -4.76
N LYS A 178 -6.13 -6.89 -3.67
CA LYS A 178 -7.02 -8.05 -3.56
C LYS A 178 -8.47 -7.60 -3.40
N ASP A 179 -8.75 -6.85 -2.35
CA ASP A 179 -10.05 -6.25 -2.10
C ASP A 179 -9.88 -4.80 -1.68
N SER A 180 -8.98 -4.09 -2.36
CA SER A 180 -8.60 -2.71 -2.06
C SER A 180 -7.99 -2.58 -0.67
N CYS A 181 -7.42 -1.42 -0.38
CA CYS A 181 -6.83 -1.16 0.93
C CYS A 181 -7.80 -0.50 1.91
N GLN A 182 -9.05 -0.27 1.49
CA GLN A 182 -10.07 0.34 2.32
C GLN A 182 -9.61 1.68 2.88
N GLY A 183 -9.97 1.96 4.12
CA GLY A 183 -9.53 3.18 4.78
C GLY A 183 -8.91 2.91 6.13
N ASP A 184 -8.85 1.64 6.51
CA ASP A 184 -8.28 1.18 7.77
C ASP A 184 -9.01 1.76 8.98
N SER A 185 -10.22 2.30 8.77
CA SER A 185 -11.05 2.85 9.85
C SER A 185 -10.28 3.92 10.64
N GLY A 186 -9.54 4.74 9.93
CA GLY A 186 -8.76 5.79 10.56
C GLY A 186 -7.46 6.00 9.81
N GLY A 187 -6.49 6.57 10.52
CA GLY A 187 -5.20 6.86 9.95
C GLY A 187 -5.09 8.31 9.49
N PRO A 188 -3.87 8.80 9.34
CA PRO A 188 -3.70 10.21 8.96
C PRO A 188 -4.05 10.45 7.51
N VAL A 189 -4.69 11.59 7.26
CA VAL A 189 -4.96 12.07 5.89
C VAL A 189 -4.50 13.53 5.87
N VAL A 190 -3.26 13.76 5.44
CA VAL A 190 -2.64 15.07 5.48
C VAL A 190 -2.51 15.59 4.06
N CYS A 191 -3.08 16.77 3.81
CA CYS A 191 -3.05 17.40 2.50
C CYS A 191 -2.23 18.67 2.57
N ASN A 192 -1.18 18.76 1.74
CA ASN A 192 -0.32 19.93 1.68
C ASN A 192 0.24 20.30 3.05
N GLY A 193 0.63 19.28 3.81
CA GLY A 193 1.15 19.49 5.14
C GLY A 193 0.11 19.79 6.19
N GLN A 194 -1.17 19.61 5.89
CA GLN A 194 -2.25 19.88 6.83
C GLN A 194 -3.16 18.66 6.90
N LEU A 195 -3.46 18.22 8.11
CA LEU A 195 -4.33 17.06 8.33
C LEU A 195 -5.78 17.45 8.05
N GLN A 196 -6.35 16.86 7.00
CA GLN A 196 -7.71 17.21 6.58
C GLN A 196 -8.73 16.12 6.81
N GLY A 197 -8.31 14.85 6.88
CA GLY A 197 -9.24 13.76 7.05
C GLY A 197 -8.74 12.79 8.10
N VAL A 198 -9.68 12.02 8.65
CA VAL A 198 -9.37 11.00 9.65
C VAL A 198 -10.03 9.69 9.28
N VAL A 199 -10.53 9.60 8.05
CA VAL A 199 -11.20 8.41 7.51
C VAL A 199 -12.41 8.05 8.35
N SER A 200 -13.61 8.38 7.84
CA SER A 200 -14.84 8.15 8.57
C SER A 200 -15.46 6.79 8.23
N TRP A 201 -15.81 6.57 6.97
CA TRP A 201 -16.47 5.34 6.54
C TRP A 201 -16.38 5.27 5.01
N GLY A 202 -17.09 4.31 4.43
CA GLY A 202 -17.13 4.17 2.99
C GLY A 202 -18.15 3.12 2.59
N ASP A 203 -18.43 3.09 1.29
CA ASP A 203 -19.38 2.13 0.73
C ASP A 203 -18.65 0.81 0.51
N GLY A 204 -18.75 -0.10 1.49
CA GLY A 204 -18.05 -1.35 1.40
C GLY A 204 -16.55 -1.16 1.57
N CYS A 205 -15.80 -2.13 1.08
CA CYS A 205 -14.34 -2.08 1.11
C CYS A 205 -13.76 -1.39 -0.13
N ALA A 206 -14.25 -0.18 -0.39
CA ALA A 206 -13.82 0.62 -1.55
C ALA A 206 -13.96 -0.18 -2.84
N GLN A 207 -15.14 -0.75 -3.03
CA GLN A 207 -15.39 -1.60 -4.20
C GLN A 207 -15.27 -0.79 -5.50
N LYS A 208 -16.01 0.31 -5.58
CA LYS A 208 -16.03 1.16 -6.77
C LYS A 208 -16.90 2.38 -6.45
N ASN A 209 -16.85 3.36 -7.36
CA ASN A 209 -17.71 4.54 -7.31
C ASN A 209 -17.43 5.38 -6.07
N LYS A 210 -17.83 4.88 -4.90
CA LYS A 210 -17.64 5.58 -3.64
C LYS A 210 -16.62 4.84 -2.79
N PRO A 211 -15.37 5.29 -2.77
CA PRO A 211 -14.32 4.52 -2.07
C PRO A 211 -14.29 4.75 -0.57
N GLY A 212 -14.67 5.94 -0.11
CA GLY A 212 -14.62 6.22 1.31
C GLY A 212 -15.07 7.65 1.59
N VAL A 213 -15.27 7.91 2.89
CA VAL A 213 -15.70 9.21 3.39
C VAL A 213 -14.71 9.66 4.45
N TYR A 214 -14.31 10.93 4.38
CA TYR A 214 -13.33 11.51 5.29
C TYR A 214 -13.95 12.69 6.02
N THR A 215 -13.60 12.85 7.29
CA THR A 215 -14.13 13.93 8.12
C THR A 215 -13.20 15.13 8.07
N LYS A 216 -13.77 16.30 7.77
CA LYS A 216 -12.99 17.53 7.68
C LYS A 216 -12.84 18.12 9.08
N VAL A 217 -11.61 18.18 9.57
CA VAL A 217 -11.34 18.70 10.92
C VAL A 217 -11.20 20.21 10.95
N TYR A 218 -11.30 20.89 9.80
CA TYR A 218 -11.22 22.35 9.80
C TYR A 218 -12.39 22.96 10.56
N ASN A 219 -13.53 22.27 10.60
CA ASN A 219 -14.67 22.72 11.38
C ASN A 219 -14.55 22.35 12.85
N TYR A 220 -13.56 21.55 13.22
CA TYR A 220 -13.38 21.10 14.60
C TYR A 220 -12.03 21.50 15.19
N VAL A 221 -11.26 22.33 14.48
CA VAL A 221 -10.01 22.82 15.04
C VAL A 221 -10.25 23.61 16.31
N LYS A 222 -11.34 24.39 16.35
CA LYS A 222 -11.67 25.14 17.56
C LYS A 222 -11.96 24.22 18.73
N TRP A 223 -12.72 23.15 18.48
CA TRP A 223 -13.01 22.19 19.55
C TRP A 223 -11.75 21.48 20.00
N ILE A 224 -10.86 21.16 19.06
CA ILE A 224 -9.59 20.52 19.43
C ILE A 224 -8.76 21.45 20.31
N LYS A 225 -8.69 22.74 19.94
CA LYS A 225 -7.96 23.70 20.76
C LYS A 225 -8.58 23.84 22.14
N ASN A 226 -9.92 23.87 22.21
CA ASN A 226 -10.58 23.98 23.50
C ASN A 226 -10.29 22.77 24.37
N THR A 227 -10.33 21.57 23.79
CA THR A 227 -10.04 20.36 24.56
C THR A 227 -8.59 20.35 25.04
N ILE A 228 -7.65 20.77 24.18
CA ILE A 228 -6.25 20.82 24.56
C ILE A 228 -6.05 21.81 25.70
N ALA A 229 -6.68 22.97 25.61
CA ALA A 229 -6.57 23.96 26.69
C ALA A 229 -7.17 23.44 27.98
N ALA A 230 -8.32 22.77 27.91
CA ALA A 230 -8.98 22.26 29.10
C ALA A 230 -8.14 21.18 29.78
N ASN A 231 -7.56 20.27 28.99
CA ASN A 231 -6.79 19.16 29.53
C ASN A 231 -5.29 19.42 29.57
N SER A 232 -4.86 20.64 29.22
CA SER A 232 -3.45 21.02 29.23
C SER A 232 -2.59 20.11 28.36
N ILE B 1 14.13 -12.35 -0.19
CA ILE B 1 14.37 -13.15 -1.38
C ILE B 1 15.36 -14.27 -1.07
N VAL B 2 16.40 -13.93 -0.30
CA VAL B 2 17.45 -14.83 0.12
C VAL B 2 18.30 -15.27 -1.07
N GLY B 3 19.61 -15.04 -0.99
CA GLY B 3 20.50 -15.39 -2.08
C GLY B 3 21.60 -14.38 -2.30
N GLY B 4 21.35 -13.12 -1.92
CA GLY B 4 22.33 -12.07 -2.05
C GLY B 4 23.18 -11.91 -0.79
N SER B 5 24.11 -10.96 -0.88
CA SER B 5 25.01 -10.66 0.23
C SER B 5 25.32 -9.16 0.21
N ASN B 6 25.70 -8.65 1.39
CA ASN B 6 26.02 -7.23 1.51
C ASN B 6 27.23 -6.89 0.64
N ALA B 7 27.12 -5.77 -0.07
CA ALA B 7 28.18 -5.31 -0.97
C ALA B 7 29.00 -4.21 -0.29
N LYS B 8 30.31 -4.27 -0.48
CA LYS B 8 31.20 -3.28 0.10
C LYS B 8 30.96 -1.90 -0.53
N GLU B 9 31.21 -0.86 0.25
CA GLU B 9 31.02 0.50 -0.24
C GLU B 9 32.04 0.81 -1.31
N GLY B 10 31.58 1.33 -2.45
CA GLY B 10 32.44 1.63 -3.57
C GLY B 10 32.76 0.45 -4.46
N ALA B 11 32.30 -0.76 -4.12
CA ALA B 11 32.57 -1.91 -4.95
C ALA B 11 31.81 -1.85 -6.27
N TRP B 12 30.62 -1.24 -6.26
CA TRP B 12 29.78 -1.13 -7.46
C TRP B 12 29.37 0.33 -7.63
N PRO B 13 30.30 1.20 -8.01
CA PRO B 13 29.97 2.63 -8.16
C PRO B 13 28.96 2.90 -9.26
N TRP B 14 28.82 2.01 -10.24
CA TRP B 14 27.89 2.23 -11.35
C TRP B 14 26.45 1.92 -10.99
N VAL B 15 26.20 1.27 -9.87
CA VAL B 15 24.84 0.95 -9.45
C VAL B 15 24.26 2.14 -8.71
N VAL B 16 23.16 2.69 -9.23
CA VAL B 16 22.49 3.83 -8.62
C VAL B 16 21.03 3.50 -8.41
N GLY B 17 20.40 4.23 -7.50
CA GLY B 17 19.00 4.02 -7.15
C GLY B 17 18.12 5.12 -7.71
N LEU B 18 16.86 4.76 -8.01
CA LEU B 18 15.88 5.69 -8.52
C LEU B 18 14.72 5.78 -7.55
N TYR B 19 14.33 7.01 -7.21
CA TYR B 19 13.25 7.26 -6.27
C TYR B 19 12.13 8.02 -6.96
N TYR B 20 10.89 7.55 -6.78
CA TYR B 20 9.70 8.18 -7.32
C TYR B 20 8.74 8.45 -6.17
N GLY B 21 8.55 9.73 -5.85
CA GLY B 21 7.69 10.08 -4.74
C GLY B 21 8.28 9.79 -3.38
N GLY B 22 9.61 9.71 -3.27
CA GLY B 22 10.26 9.43 -2.01
C GLY B 22 10.46 7.97 -1.69
N ARG B 23 10.01 7.06 -2.56
CA ARG B 23 10.13 5.63 -2.34
C ARG B 23 11.06 5.02 -3.38
N LEU B 24 11.88 4.07 -2.96
CA LEU B 24 12.81 3.40 -3.87
C LEU B 24 12.02 2.50 -4.80
N LEU B 25 11.80 2.97 -6.03
CA LEU B 25 10.97 2.26 -7.00
C LEU B 25 11.78 1.52 -8.06
N CYS B 26 12.95 2.03 -8.43
CA CYS B 26 13.69 1.47 -9.55
C CYS B 26 15.19 1.66 -9.32
N GLY B 27 15.97 0.97 -10.14
CA GLY B 27 17.42 1.11 -10.08
C GLY B 27 17.98 1.30 -11.48
N ALA B 28 19.05 2.08 -11.56
CA ALA B 28 19.65 2.44 -12.83
C ALA B 28 21.16 2.23 -12.77
N SER B 29 21.79 2.27 -13.94
CA SER B 29 23.23 2.14 -14.08
C SER B 29 23.79 3.30 -14.87
N LEU B 30 24.94 3.82 -14.43
CA LEU B 30 25.58 4.95 -15.10
C LEU B 30 26.36 4.45 -16.31
N VAL B 31 26.21 5.16 -17.44
CA VAL B 31 26.90 4.78 -18.66
C VAL B 31 27.60 6.00 -19.26
N SER B 32 27.25 7.18 -18.79
CA SER B 32 27.83 8.42 -19.31
C SER B 32 27.89 9.44 -18.17
N SER B 33 28.08 10.71 -18.53
CA SER B 33 28.14 11.77 -17.55
C SER B 33 26.79 12.42 -17.26
N ASP B 34 25.76 12.12 -18.07
CA ASP B 34 24.46 12.73 -17.86
C ASP B 34 23.29 11.78 -18.10
N TRP B 35 23.55 10.48 -18.32
CA TRP B 35 22.49 9.54 -18.63
C TRP B 35 22.63 8.28 -17.80
N LEU B 36 21.50 7.62 -17.56
CA LEU B 36 21.44 6.36 -16.82
C LEU B 36 20.73 5.31 -17.67
N VAL B 37 20.92 4.05 -17.30
CA VAL B 37 20.26 2.92 -17.95
C VAL B 37 19.50 2.15 -16.89
N SER B 38 18.19 2.02 -17.08
CA SER B 38 17.32 1.34 -16.13
C SER B 38 16.28 0.53 -16.90
N ALA B 39 15.61 -0.37 -16.17
CA ALA B 39 14.56 -1.17 -16.77
C ALA B 39 13.38 -0.29 -17.18
N ALA B 40 12.79 -0.62 -18.33
CA ALA B 40 11.67 0.16 -18.84
C ALA B 40 10.34 -0.22 -18.22
N ALA B 41 10.29 -1.28 -17.41
CA ALA B 41 9.04 -1.65 -16.76
C ALA B 41 8.68 -0.68 -15.65
N CYS B 42 9.67 -0.07 -15.00
CA CYS B 42 9.43 0.83 -13.89
C CYS B 42 9.12 2.26 -14.33
N VAL B 43 9.30 2.57 -15.61
CA VAL B 43 8.95 3.88 -16.15
C VAL B 43 7.65 3.80 -16.95
N TYR B 44 6.88 2.73 -16.76
CA TYR B 44 5.66 2.47 -17.52
C TYR B 44 4.55 3.34 -16.98
N GLY B 45 4.41 4.54 -17.54
CA GLY B 45 3.37 5.45 -17.15
C GLY B 45 3.77 6.57 -16.20
N ARG B 46 5.06 6.71 -15.89
CA ARG B 46 5.53 7.75 -14.99
C ARG B 46 6.48 8.72 -15.67
N ASN B 47 6.45 8.80 -16.99
CA ASN B 47 7.33 9.69 -17.75
C ASN B 47 6.61 10.92 -18.30
N LEU B 48 5.30 11.04 -18.09
CA LEU B 48 4.60 12.22 -18.58
C LEU B 48 5.02 13.48 -17.83
N GLU B 49 5.39 13.35 -16.56
CA GLU B 49 5.82 14.47 -15.73
C GLU B 49 7.19 14.14 -15.17
N PRO B 50 8.26 14.38 -15.95
CA PRO B 50 9.61 14.04 -15.47
C PRO B 50 10.11 14.99 -14.40
N SER B 51 9.41 15.05 -13.27
CA SER B 51 9.83 15.87 -12.14
C SER B 51 9.75 15.16 -10.80
N LYS B 52 9.05 14.04 -10.70
CA LYS B 52 8.96 13.29 -9.46
C LYS B 52 10.03 12.21 -9.32
N TRP B 53 10.85 12.01 -10.35
CA TRP B 53 11.90 11.01 -10.31
C TRP B 53 13.18 11.63 -9.78
N THR B 54 13.71 11.06 -8.70
CA THR B 54 14.97 11.50 -8.11
C THR B 54 15.98 10.37 -8.21
N ALA B 55 17.12 10.65 -8.82
CA ALA B 55 18.17 9.66 -9.01
C ALA B 55 19.26 9.89 -7.97
N ILE B 56 19.58 8.84 -7.21
CA ILE B 56 20.59 8.89 -6.16
C ILE B 56 21.77 8.06 -6.64
N LEU B 57 22.84 8.73 -7.04
CA LEU B 57 24.04 8.04 -7.52
C LEU B 57 25.00 7.80 -6.36
N GLY B 58 25.60 6.63 -6.35
CA GLY B 58 26.48 6.25 -5.26
C GLY B 58 25.76 5.84 -3.99
N LEU B 59 24.47 5.49 -4.09
CA LEU B 59 23.71 5.09 -2.92
C LEU B 59 24.13 3.70 -2.45
N HIS B 60 24.35 3.56 -1.15
CA HIS B 60 24.69 2.26 -0.56
C HIS B 60 23.76 1.94 0.60
N MET B 61 23.31 2.98 1.30
CA MET B 61 22.39 2.82 2.43
C MET B 61 21.18 3.71 2.21
N LYS B 62 19.99 3.11 2.23
CA LYS B 62 18.77 3.85 1.98
C LYS B 62 18.52 4.91 3.06
N SER B 63 18.77 4.57 4.32
CA SER B 63 18.53 5.47 5.44
C SER B 63 19.65 6.49 5.63
N ASN B 64 20.50 6.69 4.63
CA ASN B 64 21.63 7.62 4.74
C ASN B 64 21.87 8.24 3.37
N LEU B 65 21.68 9.56 3.27
CA LEU B 65 21.84 10.28 2.01
C LEU B 65 22.56 11.61 2.25
N THR B 66 23.62 11.60 3.05
CA THR B 66 24.31 12.82 3.43
C THR B 66 25.81 12.81 3.15
N SER B 67 26.38 11.68 2.72
CA SER B 67 27.81 11.63 2.48
C SER B 67 28.19 12.43 1.23
N PRO B 68 29.34 13.09 1.25
CA PRO B 68 29.79 13.82 0.04
C PRO B 68 30.00 12.91 -1.16
N GLN B 69 30.33 11.64 -0.94
CA GLN B 69 30.51 10.71 -2.04
C GLN B 69 29.22 10.43 -2.80
N THR B 70 28.07 10.65 -2.16
CA THR B 70 26.78 10.46 -2.79
C THR B 70 26.23 11.82 -3.23
N VAL B 71 25.94 11.96 -4.50
CA VAL B 71 25.46 13.21 -5.09
C VAL B 71 24.04 12.99 -5.58
N PRO B 72 23.04 13.45 -4.84
CA PRO B 72 21.66 13.34 -5.32
C PRO B 72 21.45 14.17 -6.58
N ARG B 73 20.57 13.68 -7.45
CA ARG B 73 20.29 14.34 -8.71
C ARG B 73 18.83 14.17 -9.06
N LEU B 74 18.34 15.06 -9.92
CA LEU B 74 16.97 15.02 -10.41
C LEU B 74 16.97 14.61 -11.88
N ILE B 75 15.90 13.96 -12.31
CA ILE B 75 15.74 13.48 -13.68
C ILE B 75 14.72 14.37 -14.37
N ASP B 76 15.11 14.96 -15.50
CA ASP B 76 14.25 15.85 -16.26
C ASP B 76 13.79 15.27 -17.59
N GLU B 77 14.37 14.16 -18.05
CA GLU B 77 13.99 13.57 -19.32
C GLU B 77 14.15 12.06 -19.22
N ILE B 78 13.08 11.32 -19.50
CA ILE B 78 13.09 9.87 -19.49
C ILE B 78 12.64 9.39 -20.86
N VAL B 79 13.40 8.47 -21.45
CA VAL B 79 13.08 7.90 -22.75
C VAL B 79 12.87 6.40 -22.62
N ILE B 80 12.04 5.86 -23.50
CA ILE B 80 11.72 4.45 -23.53
C ILE B 80 12.06 3.89 -24.90
N ASN B 81 12.68 2.72 -24.93
CA ASN B 81 12.99 2.07 -26.19
C ASN B 81 11.69 1.79 -26.94
N PRO B 82 11.55 2.23 -28.19
CA PRO B 82 10.28 2.03 -28.92
C PRO B 82 9.88 0.57 -29.06
N HIS B 83 10.85 -0.35 -29.07
CA HIS B 83 10.53 -1.77 -29.25
C HIS B 83 9.85 -2.38 -28.03
N TYR B 84 9.79 -1.67 -26.91
CA TYR B 84 9.05 -2.16 -25.75
C TYR B 84 7.58 -2.32 -26.10
N ASN B 85 6.99 -3.44 -25.68
CA ASN B 85 5.62 -3.75 -26.04
C ASN B 85 4.76 -4.06 -24.81
N ARG B 86 5.39 -4.52 -23.73
CA ARG B 86 4.78 -4.94 -22.48
C ARG B 86 3.93 -6.20 -22.64
N ARG B 87 3.78 -6.72 -23.85
CA ARG B 87 3.10 -7.99 -24.11
C ARG B 87 4.05 -9.11 -24.47
N ARG B 88 5.01 -8.83 -25.36
CA ARG B 88 6.08 -9.78 -25.63
C ARG B 88 7.16 -9.77 -24.57
N LYS B 89 7.13 -8.80 -23.65
CA LYS B 89 8.11 -8.68 -22.57
C LYS B 89 9.53 -8.63 -23.13
N ASP B 90 9.72 -7.84 -24.17
CA ASP B 90 10.99 -7.71 -24.85
C ASP B 90 11.39 -6.25 -24.95
N ASN B 91 12.70 -6.01 -25.01
CA ASN B 91 13.27 -4.67 -25.15
C ASN B 91 12.81 -3.75 -24.02
N ALA B 92 12.82 -4.27 -22.79
CA ALA B 92 12.44 -3.49 -21.61
C ALA B 92 13.65 -2.74 -21.06
N ILE B 93 14.08 -1.75 -21.85
CA ILE B 93 15.23 -0.92 -21.50
C ILE B 93 14.84 0.54 -21.65
N ALA B 94 15.18 1.35 -20.65
CA ALA B 94 14.88 2.77 -20.66
C ALA B 94 16.08 3.55 -20.15
N MET B 95 16.12 4.84 -20.49
CA MET B 95 17.21 5.71 -20.10
C MET B 95 16.65 6.99 -19.49
N MET B 96 17.41 7.56 -18.55
CA MET B 96 17.05 8.79 -17.86
C MET B 96 18.16 9.80 -18.02
N HIS B 97 17.79 11.07 -18.12
CA HIS B 97 18.73 12.17 -18.29
C HIS B 97 18.93 12.90 -16.97
N LEU B 98 20.19 13.11 -16.59
CA LEU B 98 20.50 13.80 -15.34
C LEU B 98 20.21 15.29 -15.49
N GLU B 99 20.33 16.01 -14.37
CA GLU B 99 20.03 17.44 -14.35
C GLU B 99 20.97 18.21 -15.26
N PHE B 100 22.24 18.33 -14.85
CA PHE B 100 23.25 18.98 -15.68
C PHE B 100 24.36 18.03 -16.11
N LYS B 101 24.99 17.35 -15.16
CA LYS B 101 26.07 16.41 -15.44
C LYS B 101 26.35 15.64 -14.15
N VAL B 102 27.37 14.78 -14.20
CA VAL B 102 27.82 14.03 -13.04
C VAL B 102 29.33 14.12 -12.95
N ASN B 103 29.85 13.87 -11.75
CA ASN B 103 31.27 13.90 -11.47
C ASN B 103 31.81 12.47 -11.40
N TYR B 104 33.09 12.34 -11.05
CA TYR B 104 33.73 11.03 -10.85
C TYR B 104 34.63 11.14 -9.62
N THR B 105 34.08 10.81 -8.45
CA THR B 105 34.78 10.93 -7.18
C THR B 105 35.09 9.56 -6.59
N ASP B 106 35.48 8.61 -7.45
CA ASP B 106 35.83 7.24 -7.08
C ASP B 106 34.65 6.46 -6.50
N TYR B 107 33.45 7.03 -6.51
CA TYR B 107 32.26 6.32 -6.08
C TYR B 107 31.10 6.47 -7.06
N ILE B 108 31.25 7.25 -8.12
CA ILE B 108 30.24 7.39 -9.17
C ILE B 108 30.98 7.22 -10.49
N GLN B 109 30.93 6.01 -11.04
CA GLN B 109 31.65 5.68 -12.26
C GLN B 109 30.70 5.03 -13.25
N PRO B 110 30.99 5.16 -14.55
CA PRO B 110 30.08 4.59 -15.56
C PRO B 110 30.39 3.14 -15.89
N ILE B 111 29.33 2.40 -16.20
CA ILE B 111 29.45 0.99 -16.56
C ILE B 111 29.98 0.87 -17.99
N CYS B 112 30.62 -0.26 -18.28
CA CYS B 112 31.19 -0.50 -19.60
C CYS B 112 30.17 -1.20 -20.49
N LEU B 113 29.86 -0.59 -21.62
CA LEU B 113 28.90 -1.16 -22.55
C LEU B 113 29.52 -2.36 -23.28
N PRO B 114 28.69 -3.32 -23.69
CA PRO B 114 29.21 -4.45 -24.48
C PRO B 114 29.80 -3.98 -25.79
N GLU B 115 30.88 -4.64 -26.20
CA GLU B 115 31.57 -4.33 -27.44
C GLU B 115 31.08 -5.23 -28.56
N GLU B 116 31.62 -5.03 -29.75
CA GLU B 116 31.27 -5.86 -30.90
C GLU B 116 32.06 -7.17 -30.87
N ASN B 117 31.45 -8.21 -31.43
CA ASN B 117 32.06 -9.54 -31.51
C ASN B 117 32.48 -10.06 -30.14
N GLN B 118 31.60 -9.86 -29.15
CA GLN B 118 31.84 -10.33 -27.79
C GLN B 118 31.11 -11.65 -27.56
N VAL B 119 31.80 -12.60 -26.93
CA VAL B 119 31.27 -13.93 -26.66
C VAL B 119 31.04 -14.07 -25.17
N PHE B 120 29.84 -14.53 -24.80
CA PHE B 120 29.45 -14.72 -23.41
C PHE B 120 28.95 -16.15 -23.23
N PRO B 121 29.86 -17.10 -23.04
CA PRO B 121 29.45 -18.50 -22.86
C PRO B 121 28.59 -18.65 -21.62
N PRO B 122 27.58 -19.52 -21.67
CA PRO B 122 26.74 -19.75 -20.49
C PRO B 122 27.49 -20.50 -19.41
N GLY B 123 27.03 -20.31 -18.17
CA GLY B 123 27.59 -20.96 -17.01
C GLY B 123 28.54 -20.10 -16.19
N ARG B 124 29.04 -19.01 -16.75
CA ARG B 124 29.92 -18.12 -16.00
C ARG B 124 29.12 -17.31 -14.99
N ASN B 125 29.72 -17.06 -13.84
CA ASN B 125 29.07 -16.34 -12.75
C ASN B 125 29.09 -14.85 -13.05
N CYS B 126 27.93 -14.28 -13.35
CA CYS B 126 27.78 -12.84 -13.58
C CYS B 126 27.11 -12.22 -12.36
N SER B 127 27.71 -11.16 -11.83
CA SER B 127 27.19 -10.53 -10.62
C SER B 127 25.86 -9.84 -10.89
N ILE B 128 24.96 -9.91 -9.91
CA ILE B 128 23.68 -9.23 -9.96
C ILE B 128 23.60 -8.27 -8.78
N ALA B 129 23.15 -7.04 -9.05
CA ALA B 129 23.06 -6.00 -8.04
C ALA B 129 21.60 -5.60 -7.86
N GLY B 130 21.29 -5.12 -6.66
CA GLY B 130 19.95 -4.68 -6.35
C GLY B 130 19.69 -4.71 -4.87
N TRP B 131 18.60 -4.07 -4.47
CA TRP B 131 18.18 -4.02 -3.07
C TRP B 131 17.07 -5.06 -2.87
N GLY B 132 17.47 -6.28 -2.55
CA GLY B 132 16.54 -7.37 -2.34
C GLY B 132 15.89 -7.32 -0.97
N THR B 133 15.10 -8.35 -0.70
CA THR B 133 14.38 -8.48 0.56
C THR B 133 14.86 -9.72 1.30
N VAL B 134 14.26 -9.98 2.46
CA VAL B 134 14.57 -11.17 3.25
C VAL B 134 13.59 -12.31 2.98
N VAL B 135 12.47 -12.05 2.30
CA VAL B 135 11.48 -13.06 1.95
C VAL B 135 10.89 -12.68 0.59
N TYR B 136 10.08 -13.57 0.04
CA TYR B 136 9.49 -13.33 -1.29
C TYR B 136 8.66 -12.06 -1.31
N GLN B 137 8.03 -11.69 -0.19
CA GLN B 137 7.19 -10.50 -0.14
C GLN B 137 7.65 -9.57 0.97
N GLY B 138 8.95 -9.34 1.06
CA GLY B 138 9.53 -8.49 2.08
C GLY B 138 9.72 -7.06 1.60
N THR B 139 10.62 -6.35 2.27
CA THR B 139 10.93 -4.97 1.96
C THR B 139 12.39 -4.85 1.51
N THR B 140 12.66 -3.83 0.71
CA THR B 140 14.00 -3.64 0.17
C THR B 140 15.01 -3.45 1.30
N ALA B 141 16.14 -4.15 1.19
CA ALA B 141 17.16 -4.09 2.22
C ALA B 141 17.82 -2.71 2.24
N ASN B 142 18.16 -2.25 3.45
CA ASN B 142 18.83 -0.97 3.61
C ASN B 142 20.27 -1.00 3.10
N ILE B 143 20.81 -2.18 2.82
CA ILE B 143 22.17 -2.34 2.31
C ILE B 143 22.10 -3.01 0.94
N LEU B 144 22.84 -2.46 -0.02
CA LEU B 144 22.85 -3.01 -1.36
C LEU B 144 23.31 -4.47 -1.34
N GLN B 145 22.58 -5.33 -2.05
CA GLN B 145 22.83 -6.76 -2.06
C GLN B 145 23.54 -7.16 -3.34
N GLU B 146 24.50 -8.08 -3.21
CA GLU B 146 25.27 -8.58 -4.35
C GLU B 146 25.19 -10.10 -4.37
N ALA B 147 25.12 -10.66 -5.57
CA ALA B 147 25.06 -12.11 -5.74
C ALA B 147 25.58 -12.45 -7.13
N ASP B 148 25.90 -13.73 -7.31
CA ASP B 148 26.40 -14.24 -8.58
C ASP B 148 25.50 -15.37 -9.07
N VAL B 149 25.16 -15.33 -10.34
CA VAL B 149 24.33 -16.36 -10.96
C VAL B 149 25.00 -16.84 -12.24
N PRO B 150 24.81 -18.12 -12.62
CA PRO B 150 25.41 -18.59 -13.87
C PRO B 150 24.57 -18.19 -15.08
N LEU B 151 25.27 -17.83 -16.15
CA LEU B 151 24.59 -17.44 -17.38
C LEU B 151 23.91 -18.65 -18.01
N LEU B 152 22.71 -18.45 -18.53
CA LEU B 152 21.92 -19.51 -19.16
C LEU B 152 21.59 -19.10 -20.59
N SER B 153 21.69 -20.06 -21.51
CA SER B 153 21.38 -19.81 -22.90
C SER B 153 19.88 -19.66 -23.11
N ASN B 154 19.51 -19.04 -24.22
CA ASN B 154 18.11 -18.81 -24.55
C ASN B 154 17.36 -20.08 -24.91
N GLU B 155 18.07 -21.14 -25.32
CA GLU B 155 17.40 -22.40 -25.68
C GLU B 155 16.78 -23.07 -24.47
N ARG B 156 17.52 -23.17 -23.37
CA ARG B 156 17.01 -23.82 -22.17
C ARG B 156 16.01 -22.95 -21.42
N CYS B 157 16.07 -21.62 -21.59
CA CYS B 157 15.18 -20.74 -20.85
C CYS B 157 13.73 -20.96 -21.25
N GLN B 158 13.48 -21.14 -22.55
CA GLN B 158 12.11 -21.41 -23.01
C GLN B 158 11.58 -22.72 -22.43
N GLN B 159 12.42 -23.75 -22.39
CA GLN B 159 12.01 -25.03 -21.82
C GLN B 159 11.72 -24.90 -20.33
N GLN B 160 12.56 -24.16 -19.60
CA GLN B 160 12.36 -24.00 -18.16
C GLN B 160 11.12 -23.18 -17.87
N MET B 161 10.85 -22.15 -18.67
CA MET B 161 9.70 -21.27 -18.49
C MET B 161 8.92 -21.20 -19.80
N PRO B 162 8.05 -22.18 -20.06
CA PRO B 162 7.25 -22.14 -21.29
C PRO B 162 6.29 -20.96 -21.35
N GLU B 163 5.97 -20.34 -20.20
CA GLU B 163 5.02 -19.23 -20.19
C GLU B 163 5.56 -17.99 -20.90
N TYR B 164 6.87 -17.86 -21.05
CA TYR B 164 7.49 -16.68 -21.64
C TYR B 164 8.16 -17.07 -22.95
N ASN B 165 7.98 -16.22 -23.97
CA ASN B 165 8.58 -16.49 -25.27
C ASN B 165 10.09 -16.22 -25.28
N ILE B 166 10.58 -15.41 -24.34
CA ILE B 166 12.00 -15.16 -24.14
C ILE B 166 12.60 -14.48 -25.36
N THR B 167 12.71 -15.22 -26.47
CA THR B 167 13.24 -14.76 -27.75
C THR B 167 14.72 -14.38 -27.64
N GLU B 168 15.41 -14.30 -28.79
CA GLU B 168 16.85 -14.09 -28.80
C GLU B 168 17.26 -12.71 -28.29
N ASN B 169 16.32 -11.77 -28.15
CA ASN B 169 16.64 -10.44 -27.66
C ASN B 169 16.71 -10.37 -26.14
N MET B 170 16.44 -11.47 -25.44
CA MET B 170 16.51 -11.52 -23.99
C MET B 170 17.38 -12.70 -23.57
N ILE B 171 18.19 -12.49 -22.54
CA ILE B 171 19.10 -13.52 -22.03
C ILE B 171 18.72 -13.80 -20.58
N CYS B 172 18.55 -15.07 -20.24
CA CYS B 172 18.13 -15.50 -18.92
C CYS B 172 19.33 -15.94 -18.09
N ALA B 173 19.12 -16.02 -16.79
CA ALA B 173 20.12 -16.52 -15.86
C ALA B 173 19.42 -17.06 -14.61
N GLY B 174 20.06 -18.02 -13.97
CA GLY B 174 19.51 -18.62 -12.78
C GLY B 174 20.16 -19.95 -12.48
N TYR B 175 19.71 -20.57 -11.39
CA TYR B 175 20.23 -21.84 -10.95
C TYR B 175 19.24 -22.97 -11.23
N GLU B 176 19.78 -24.17 -11.44
CA GLU B 176 18.93 -25.34 -11.64
C GLU B 176 18.11 -25.64 -10.39
N GLU B 177 18.73 -25.57 -9.22
CA GLU B 177 18.05 -25.81 -7.95
C GLU B 177 17.47 -24.54 -7.34
N GLY B 178 17.75 -23.38 -7.93
CA GLY B 178 17.23 -22.14 -7.39
C GLY B 178 17.89 -21.76 -6.07
N GLY B 179 17.18 -20.91 -5.33
CA GLY B 179 17.63 -20.43 -4.04
C GLY B 179 18.32 -19.08 -4.06
N ILE B 180 18.83 -18.66 -5.22
CA ILE B 180 19.44 -17.34 -5.40
C ILE B 180 18.82 -16.70 -6.62
N ASP B 181 18.13 -15.58 -6.42
CA ASP B 181 17.48 -14.88 -7.52
C ASP B 181 17.19 -13.45 -7.09
N SER B 182 16.80 -12.63 -8.08
CA SER B 182 16.42 -11.24 -7.81
C SER B 182 15.20 -10.83 -8.63
N CYS B 183 14.32 -11.79 -8.94
CA CYS B 183 13.15 -11.47 -9.75
C CYS B 183 12.21 -10.52 -9.04
N GLN B 184 12.00 -10.71 -7.74
CA GLN B 184 11.10 -9.87 -6.96
C GLN B 184 11.87 -9.11 -5.88
N GLY B 185 11.24 -8.07 -5.36
CA GLY B 185 11.83 -7.26 -4.32
C GLY B 185 12.11 -5.83 -4.76
N ASP B 186 12.62 -5.67 -5.98
CA ASP B 186 12.93 -4.36 -6.54
C ASP B 186 13.16 -4.53 -8.03
N ALA B 187 13.49 -3.42 -8.70
CA ALA B 187 13.79 -3.48 -10.12
C ALA B 187 15.12 -4.15 -10.41
N GLY B 188 15.98 -4.29 -9.40
CA GLY B 188 17.27 -4.92 -9.57
C GLY B 188 18.32 -3.98 -10.12
N GLY B 189 18.26 -3.70 -11.42
CA GLY B 189 19.21 -2.81 -12.04
C GLY B 189 20.03 -3.49 -13.11
N PRO B 190 21.33 -3.26 -13.11
CA PRO B 190 22.20 -3.84 -14.13
C PRO B 190 22.68 -5.24 -13.77
N LEU B 191 22.92 -6.03 -14.80
CA LEU B 191 23.55 -7.34 -14.67
C LEU B 191 25.01 -7.20 -15.10
N MET B 192 25.93 -7.59 -14.23
CA MET B 192 27.35 -7.35 -14.41
C MET B 192 28.10 -8.66 -14.50
N CYS B 193 28.92 -8.80 -15.53
CA CYS B 193 29.86 -9.91 -15.66
C CYS B 193 31.26 -9.34 -15.84
N GLN B 194 32.20 -9.93 -15.13
CA GLN B 194 33.55 -9.35 -15.12
C GLN B 194 34.39 -9.92 -16.24
N GLU B 195 35.46 -9.26 -16.64
CA GLU B 195 36.28 -9.80 -17.76
C GLU B 195 37.75 -9.48 -17.48
N ASN B 196 38.15 -9.59 -16.20
CA ASN B 196 39.55 -9.34 -15.76
C ASN B 196 39.83 -7.85 -15.53
N ASN B 197 39.56 -7.00 -16.53
CA ASN B 197 39.88 -5.56 -16.48
C ASN B 197 38.64 -4.67 -16.51
N ARG B 198 37.54 -5.05 -17.17
CA ARG B 198 36.43 -4.08 -17.36
C ARG B 198 35.06 -4.73 -17.14
N TRP B 199 34.39 -4.35 -16.05
CA TRP B 199 33.05 -4.82 -15.75
C TRP B 199 32.10 -4.40 -16.86
N PHE B 200 31.66 -5.35 -17.65
CA PHE B 200 30.78 -5.10 -18.79
C PHE B 200 29.32 -5.17 -18.36
N LEU B 201 28.48 -4.39 -19.03
CA LEU B 201 27.05 -4.39 -18.79
C LEU B 201 26.46 -5.64 -19.43
N ALA B 202 26.50 -6.74 -18.67
CA ALA B 202 26.02 -8.02 -19.19
C ALA B 202 24.52 -8.00 -19.46
N GLY B 203 23.76 -7.25 -18.68
CA GLY B 203 22.32 -7.18 -18.89
C GLY B 203 21.69 -6.18 -17.95
N VAL B 204 20.38 -6.01 -18.13
CA VAL B 204 19.56 -5.17 -17.27
C VAL B 204 18.48 -6.06 -16.65
N THR B 205 18.35 -5.98 -15.32
CA THR B 205 17.41 -6.84 -14.62
C THR B 205 15.99 -6.60 -15.10
N SER B 206 15.28 -7.68 -15.41
CA SER B 206 13.94 -7.60 -15.98
C SER B 206 12.97 -8.51 -15.24
N PHE B 207 11.78 -8.71 -15.81
CA PHE B 207 10.73 -9.50 -15.19
C PHE B 207 11.20 -10.93 -14.95
N GLY B 208 10.42 -11.66 -14.15
CA GLY B 208 10.70 -13.05 -13.87
C GLY B 208 9.47 -13.74 -13.31
N TYR B 209 9.45 -15.06 -13.45
CA TYR B 209 8.34 -15.85 -12.94
C TYR B 209 8.23 -15.74 -11.43
N LYS B 210 9.24 -16.22 -10.72
CA LYS B 210 9.28 -16.14 -9.26
C LYS B 210 10.70 -16.43 -8.80
N CYS B 211 11.12 -15.71 -7.75
CA CYS B 211 12.47 -15.85 -7.25
C CYS B 211 12.66 -17.18 -6.51
N ALA B 212 13.88 -17.71 -6.61
CA ALA B 212 14.36 -18.91 -5.92
C ALA B 212 13.64 -20.19 -6.36
N LEU B 213 12.70 -20.12 -7.29
CA LEU B 213 12.04 -21.33 -7.77
C LEU B 213 12.94 -22.08 -8.73
N PRO B 214 13.16 -23.38 -8.51
CA PRO B 214 14.02 -24.14 -9.44
C PRO B 214 13.43 -24.16 -10.85
N ASN B 215 14.33 -24.18 -11.84
CA ASN B 215 13.95 -24.17 -13.25
C ASN B 215 13.12 -22.94 -13.62
N ARG B 216 13.36 -21.82 -12.94
CA ARG B 216 12.69 -20.55 -13.22
C ARG B 216 13.75 -19.47 -13.31
N PRO B 217 14.49 -19.42 -14.41
CA PRO B 217 15.56 -18.42 -14.52
C PRO B 217 15.02 -17.00 -14.59
N GLY B 218 15.83 -16.07 -14.11
CA GLY B 218 15.47 -14.66 -14.21
C GLY B 218 15.83 -14.11 -15.58
N VAL B 219 14.91 -13.29 -16.12
CA VAL B 219 15.08 -12.72 -17.45
C VAL B 219 15.81 -11.39 -17.35
N TYR B 220 16.77 -11.18 -18.25
CA TYR B 220 17.56 -9.95 -18.28
C TYR B 220 17.59 -9.41 -19.70
N ALA B 221 17.67 -8.09 -19.80
CA ALA B 221 17.71 -7.43 -21.10
C ALA B 221 19.08 -7.60 -21.74
N ARG B 222 19.10 -8.00 -23.01
CA ARG B 222 20.35 -8.23 -23.73
C ARG B 222 20.89 -6.88 -24.20
N VAL B 223 21.90 -6.37 -23.48
CA VAL B 223 22.46 -5.07 -23.81
C VAL B 223 23.34 -5.16 -25.05
N SER B 224 23.84 -6.35 -25.38
CA SER B 224 24.74 -6.49 -26.52
C SER B 224 24.05 -6.08 -27.83
N ARG B 225 22.74 -6.30 -27.94
CA ARG B 225 21.98 -5.84 -29.09
C ARG B 225 21.46 -4.42 -28.93
N PHE B 226 21.61 -3.83 -27.75
CA PHE B 226 21.17 -2.46 -27.49
C PHE B 226 22.33 -1.47 -27.43
N THR B 227 23.53 -1.91 -27.81
CA THR B 227 24.70 -1.04 -27.70
C THR B 227 24.56 0.20 -28.58
N GLU B 228 24.09 0.03 -29.81
CA GLU B 228 23.93 1.17 -30.70
C GLU B 228 22.88 2.14 -30.18
N TRP B 229 21.78 1.62 -29.64
CA TRP B 229 20.74 2.49 -29.09
C TRP B 229 21.24 3.27 -27.88
N ILE B 230 22.02 2.61 -27.01
CA ILE B 230 22.55 3.29 -25.84
C ILE B 230 23.59 4.33 -26.24
N GLN B 231 24.40 4.03 -27.26
CA GLN B 231 25.44 4.95 -27.72
C GLN B 231 24.84 6.04 -28.60
N SER B 232 23.85 6.75 -28.03
CA SER B 232 23.24 7.89 -28.68
C SER B 232 22.99 9.05 -27.73
N PHE B 233 23.39 8.92 -26.46
CA PHE B 233 23.22 9.96 -25.45
C PHE B 233 24.50 10.13 -24.66
N LEU B 234 25.62 10.19 -25.37
CA LEU B 234 26.94 10.29 -24.75
C LEU B 234 27.61 11.58 -25.18
N HIS B 235 28.28 12.23 -24.23
CA HIS B 235 29.03 13.45 -24.52
C HIS B 235 30.32 13.14 -25.26
N ILE C 1 8.40 -7.86 57.74
CA ILE C 1 7.65 -8.57 56.71
C ILE C 1 7.48 -7.68 55.48
N GLU C 2 8.03 -8.13 54.35
CA GLU C 2 7.95 -7.40 53.10
C GLU C 2 7.52 -8.33 51.98
N CYS C 3 6.88 -7.76 50.97
CA CYS C 3 6.40 -8.51 49.82
C CYS C 3 7.05 -7.99 48.54
N LEU C 4 7.12 -8.86 47.54
CA LEU C 4 7.71 -8.49 46.26
C LEU C 4 6.83 -7.48 45.54
N PRO C 5 7.42 -6.67 44.66
CA PRO C 5 6.61 -5.70 43.90
C PRO C 5 5.55 -6.40 43.07
N GLY C 6 4.39 -5.76 42.94
CA GLY C 6 3.27 -6.35 42.26
C GLY C 6 2.43 -7.29 43.10
N SER C 7 2.73 -7.41 44.39
CA SER C 7 2.00 -8.29 45.29
C SER C 7 1.67 -7.53 46.57
N SER C 8 0.61 -7.96 47.25
CA SER C 8 0.17 -7.34 48.48
C SER C 8 0.00 -8.38 49.57
N PRO C 9 0.30 -8.03 50.82
CA PRO C 9 0.14 -8.99 51.91
C PRO C 9 -1.31 -9.10 52.38
N CYS C 10 -1.57 -10.17 53.12
CA CYS C 10 -2.88 -10.41 53.70
C CYS C 10 -2.93 -9.87 55.12
N THR C 11 -4.09 -10.03 55.77
CA THR C 11 -4.24 -9.54 57.14
C THR C 11 -3.33 -10.31 58.09
N ASP C 12 -3.25 -11.63 57.94
CA ASP C 12 -2.41 -12.44 58.82
C ASP C 12 -0.92 -12.22 58.59
N ALA C 13 -0.54 -11.58 57.47
CA ALA C 13 0.87 -11.30 57.16
C ALA C 13 1.71 -12.58 57.18
N LEU C 14 1.16 -13.64 56.61
CA LEU C 14 1.85 -14.93 56.54
C LEU C 14 2.39 -15.24 55.16
N THR C 15 1.83 -14.65 54.10
CA THR C 15 2.29 -14.89 52.75
C THR C 15 1.95 -13.70 51.88
N CYS C 16 2.58 -13.64 50.71
CA CYS C 16 2.38 -12.57 49.75
C CYS C 16 1.73 -13.13 48.49
N ILE C 17 0.66 -12.47 48.04
CA ILE C 17 -0.05 -12.87 46.83
C ILE C 17 -0.25 -11.64 45.95
N LYS C 18 -0.52 -11.90 44.68
CA LYS C 18 -0.67 -10.82 43.70
C LYS C 18 -1.86 -9.93 44.06
N ALA C 19 -1.70 -8.63 43.84
CA ALA C 19 -2.76 -7.68 44.16
C ALA C 19 -3.99 -7.88 43.31
N ASP C 20 -3.82 -8.39 42.08
CA ASP C 20 -4.96 -8.61 41.20
C ASP C 20 -5.88 -9.71 41.70
N LEU C 21 -5.43 -10.54 42.63
CA LEU C 21 -6.24 -11.60 43.20
C LEU C 21 -7.11 -11.13 44.35
N PHE C 22 -7.00 -9.86 44.76
CA PHE C 22 -7.80 -9.32 45.84
C PHE C 22 -9.13 -8.79 45.32
N CYS C 23 -10.19 -9.05 46.07
CA CYS C 23 -11.53 -8.54 45.76
C CYS C 23 -11.99 -8.96 44.37
N ASP C 24 -11.67 -10.19 44.00
CA ASP C 24 -12.04 -10.75 42.71
C ASP C 24 -13.14 -11.81 42.81
N GLY C 25 -13.63 -12.08 44.01
CA GLY C 25 -14.63 -13.10 44.22
C GLY C 25 -14.09 -14.48 44.51
N GLU C 26 -12.78 -14.68 44.39
CA GLU C 26 -12.14 -15.96 44.70
C GLU C 26 -11.21 -15.78 45.88
N VAL C 27 -11.34 -16.65 46.88
CA VAL C 27 -10.54 -16.55 48.09
C VAL C 27 -9.12 -17.01 47.80
N ASN C 28 -8.16 -16.14 48.11
CA ASN C 28 -6.75 -16.46 47.91
C ASN C 28 -5.91 -16.37 49.19
N CYS C 29 -6.22 -15.44 50.08
CA CYS C 29 -5.50 -15.37 51.35
C CYS C 29 -5.82 -16.60 52.20
N PRO C 30 -4.85 -17.08 52.98
CA PRO C 30 -5.14 -18.23 53.86
C PRO C 30 -6.25 -17.98 54.85
N ASP C 31 -6.37 -16.75 55.36
CA ASP C 31 -7.41 -16.39 56.31
C ASP C 31 -8.68 -15.90 55.64
N GLY C 32 -8.70 -15.80 54.31
CA GLY C 32 -9.87 -15.31 53.61
C GLY C 32 -10.11 -13.83 53.73
N SER C 33 -9.08 -13.05 54.05
CA SER C 33 -9.22 -11.62 54.23
C SER C 33 -9.35 -10.86 52.92
N ASP C 34 -9.04 -11.49 51.78
CA ASP C 34 -9.12 -10.80 50.50
C ASP C 34 -10.56 -10.45 50.12
N GLU C 35 -11.55 -11.16 50.66
CA GLU C 35 -12.95 -10.90 50.37
C GLU C 35 -13.62 -10.01 51.41
N ASP C 36 -12.87 -9.52 52.39
CA ASP C 36 -13.46 -8.71 53.44
C ASP C 36 -13.95 -7.37 52.88
N ASN C 37 -15.10 -6.92 53.37
CA ASN C 37 -15.68 -5.68 52.89
C ASN C 37 -14.80 -4.48 53.25
N LYS C 38 -14.26 -4.46 54.46
CA LYS C 38 -13.43 -3.32 54.89
C LYS C 38 -12.16 -3.21 54.05
N MET C 39 -11.51 -4.34 53.77
CA MET C 39 -10.32 -4.32 52.94
C MET C 39 -10.64 -3.86 51.52
N CYS C 40 -11.75 -4.34 50.95
CA CYS C 40 -12.16 -3.97 49.61
C CYS C 40 -12.94 -2.66 49.68
N ALA C 41 -12.19 -1.55 49.61
CA ALA C 41 -12.80 -0.23 49.69
C ALA C 41 -13.54 0.09 48.40
N THR C 42 -14.83 -0.24 48.36
CA THR C 42 -15.61 0.00 47.14
C THR C 42 -15.78 1.48 46.86
N VAL C 43 -15.90 2.31 47.89
CA VAL C 43 -16.01 3.76 47.79
C VAL C 43 -17.32 4.16 47.11
N CYS C 44 -17.69 3.48 46.04
CA CYS C 44 -18.94 3.77 45.35
C CYS C 44 -20.14 3.57 46.28
N ASP C 45 -20.14 2.47 47.03
CA ASP C 45 -21.26 2.14 47.91
C ASP C 45 -20.87 1.87 49.35
N GLY C 46 -19.62 1.48 49.62
CA GLY C 46 -19.19 1.15 50.97
C GLY C 46 -19.36 -0.30 51.35
N ARG C 47 -20.01 -1.10 50.51
CA ARG C 47 -20.19 -2.53 50.77
C ARG C 47 -19.69 -3.32 49.58
N PHE C 48 -19.04 -4.43 49.86
CA PHE C 48 -18.45 -5.27 48.82
C PHE C 48 -19.16 -6.60 48.65
N LEU C 49 -19.53 -7.27 49.73
CA LEU C 49 -20.19 -8.57 49.67
C LEU C 49 -21.69 -8.40 49.84
N LEU C 50 -22.45 -9.05 48.96
CA LEU C 50 -23.92 -9.08 49.03
C LEU C 50 -24.34 -10.54 49.03
N THR C 51 -24.37 -11.15 50.21
CA THR C 51 -24.69 -12.56 50.35
C THR C 51 -26.17 -12.83 50.57
N GLY C 52 -26.99 -11.79 50.68
CA GLY C 52 -28.41 -11.98 50.87
C GLY C 52 -29.15 -12.24 49.58
N SER C 53 -30.44 -12.55 49.72
CA SER C 53 -31.30 -12.78 48.56
C SER C 53 -31.71 -11.50 47.86
N SER C 54 -31.49 -10.34 48.48
CA SER C 54 -31.84 -9.06 47.88
C SER C 54 -30.94 -7.99 48.48
N GLY C 55 -30.85 -6.87 47.77
CA GLY C 55 -30.03 -5.77 48.23
C GLY C 55 -29.89 -4.73 47.13
N SER C 56 -29.01 -3.77 47.38
CA SER C 56 -28.76 -2.69 46.44
C SER C 56 -27.36 -2.13 46.65
N PHE C 57 -26.84 -1.49 45.61
CA PHE C 57 -25.55 -0.83 45.67
C PHE C 57 -25.59 0.41 44.78
N GLN C 58 -24.76 1.40 45.11
CA GLN C 58 -24.77 2.68 44.43
C GLN C 58 -23.37 3.02 43.94
N ALA C 59 -23.30 3.83 42.89
CA ALA C 59 -22.03 4.31 42.37
C ALA C 59 -21.57 5.53 43.16
N THR C 60 -20.31 5.91 42.97
CA THR C 60 -19.75 7.05 43.68
C THR C 60 -20.39 8.35 43.19
N HIS C 61 -20.73 9.21 44.15
CA HIS C 61 -21.34 10.51 43.89
C HIS C 61 -22.60 10.36 43.01
N TYR C 62 -23.57 9.64 43.55
CA TYR C 62 -24.84 9.45 42.83
C TYR C 62 -25.60 10.75 42.60
N PRO C 63 -25.84 11.61 43.60
CA PRO C 63 -26.66 12.81 43.36
C PRO C 63 -25.94 13.95 42.68
N LYS C 64 -24.61 14.00 42.70
CA LYS C 64 -23.86 15.11 42.15
C LYS C 64 -22.75 14.60 41.24
N PRO C 65 -22.34 15.39 40.25
CA PRO C 65 -21.23 14.97 39.39
C PRO C 65 -19.96 14.73 40.19
N SER C 66 -19.21 13.71 39.79
CA SER C 66 -18.01 13.29 40.50
C SER C 66 -16.77 13.82 39.79
N GLU C 67 -15.74 14.13 40.59
CA GLU C 67 -14.46 14.62 40.07
C GLU C 67 -13.30 13.73 40.52
N THR C 68 -13.59 12.50 40.94
CA THR C 68 -12.56 11.58 41.42
C THR C 68 -12.66 10.27 40.66
N SER C 69 -11.50 9.74 40.26
CA SER C 69 -11.43 8.48 39.51
C SER C 69 -11.13 7.35 40.49
N VAL C 70 -12.17 6.59 40.83
CA VAL C 70 -12.05 5.45 41.75
C VAL C 70 -12.64 4.22 41.07
N VAL C 71 -11.85 3.15 41.01
CA VAL C 71 -12.32 1.90 40.41
C VAL C 71 -13.21 1.18 41.43
N CYS C 72 -14.39 0.76 40.97
CA CYS C 72 -15.38 0.11 41.82
C CYS C 72 -15.72 -1.28 41.27
N GLN C 73 -15.91 -2.23 42.19
CA GLN C 73 -16.23 -3.60 41.82
C GLN C 73 -17.04 -4.22 42.94
N TRP C 74 -18.02 -5.05 42.57
CA TRP C 74 -18.90 -5.68 43.53
C TRP C 74 -19.01 -7.17 43.24
N ILE C 75 -19.18 -7.96 44.30
CA ILE C 75 -19.36 -9.40 44.21
C ILE C 75 -20.65 -9.77 44.93
N ILE C 76 -21.52 -10.50 44.24
CA ILE C 76 -22.79 -10.96 44.80
C ILE C 76 -22.79 -12.48 44.78
N ARG C 77 -23.02 -13.08 45.94
CA ARG C 77 -23.03 -14.54 46.09
C ARG C 77 -24.33 -14.99 46.72
N VAL C 78 -24.89 -16.08 46.20
CA VAL C 78 -26.11 -16.68 46.71
C VAL C 78 -25.88 -18.18 46.88
N ASN C 79 -26.92 -18.86 47.37
CA ASN C 79 -26.85 -20.31 47.53
C ASN C 79 -26.79 -21.01 46.17
N GLN C 80 -26.17 -22.19 46.16
CA GLN C 80 -26.06 -22.95 44.93
C GLN C 80 -27.43 -23.36 44.42
N GLY C 81 -27.60 -23.28 43.10
CA GLY C 81 -28.86 -23.59 42.46
C GLY C 81 -29.77 -22.40 42.26
N LEU C 82 -29.42 -21.24 42.76
CA LEU C 82 -30.23 -20.03 42.62
C LEU C 82 -29.60 -19.12 41.57
N SER C 83 -30.44 -18.49 40.76
CA SER C 83 -30.00 -17.58 39.70
C SER C 83 -30.22 -16.14 40.15
N ILE C 84 -29.20 -15.31 40.00
CA ILE C 84 -29.26 -13.91 40.40
C ILE C 84 -29.77 -13.09 39.21
N LYS C 85 -30.83 -12.31 39.45
CA LYS C 85 -31.42 -11.47 38.43
C LYS C 85 -31.13 -10.01 38.78
N LEU C 86 -30.37 -9.33 37.92
CA LEU C 86 -30.01 -7.95 38.14
C LEU C 86 -31.06 -7.01 37.54
N SER C 87 -31.04 -5.77 38.00
CA SER C 87 -31.97 -4.75 37.53
C SER C 87 -31.30 -3.39 37.62
N PHE C 88 -31.56 -2.54 36.64
CA PHE C 88 -30.99 -1.21 36.57
C PHE C 88 -32.08 -0.19 36.27
N ASP C 89 -31.87 1.04 36.71
CA ASP C 89 -32.88 2.09 36.58
C ASP C 89 -32.44 3.27 35.74
N ASP C 90 -31.18 3.70 35.86
CA ASP C 90 -30.71 4.89 35.17
C ASP C 90 -29.32 4.65 34.64
N PHE C 91 -29.16 4.70 33.31
CA PHE C 91 -27.85 4.60 32.69
C PHE C 91 -27.69 5.56 31.51
N ASN C 92 -28.57 6.55 31.39
CA ASN C 92 -28.51 7.51 30.28
C ASN C 92 -27.39 8.51 30.59
N THR C 93 -26.17 8.11 30.22
CA THR C 93 -24.98 8.91 30.49
C THR C 93 -24.11 8.95 29.24
N TYR C 94 -23.43 10.08 29.04
CA TYR C 94 -22.50 10.24 27.93
C TYR C 94 -21.24 9.43 28.26
N TYR C 95 -21.32 8.13 27.98
CA TYR C 95 -20.35 7.11 28.38
C TYR C 95 -19.87 7.32 29.81
N THR C 96 -18.59 7.04 30.07
CA THR C 96 -18.00 7.11 31.40
C THR C 96 -18.75 6.24 32.40
N ASP C 97 -19.42 5.19 31.89
CA ASP C 97 -20.19 4.27 32.72
C ASP C 97 -19.95 2.84 32.27
N ILE C 98 -18.69 2.50 32.01
CA ILE C 98 -18.33 1.16 31.54
C ILE C 98 -18.60 0.17 32.68
N LEU C 99 -19.58 -0.70 32.49
CA LEU C 99 -19.95 -1.71 33.48
C LEU C 99 -19.57 -3.09 32.95
N ASP C 100 -18.77 -3.81 33.73
CA ASP C 100 -18.32 -5.16 33.38
C ASP C 100 -18.99 -6.16 34.30
N ILE C 101 -19.73 -7.10 33.71
CA ILE C 101 -20.40 -8.16 34.45
C ILE C 101 -19.89 -9.49 33.92
N TYR C 102 -19.46 -10.36 34.83
CA TYR C 102 -18.89 -11.65 34.46
C TYR C 102 -19.56 -12.77 35.24
N GLU C 103 -19.80 -13.88 34.55
CA GLU C 103 -20.39 -15.06 35.18
C GLU C 103 -19.31 -15.85 35.90
N GLY C 104 -19.48 -16.04 37.21
CA GLY C 104 -18.50 -16.75 37.99
C GLY C 104 -17.25 -15.92 38.23
N VAL C 105 -16.22 -16.60 38.72
CA VAL C 105 -14.94 -15.99 39.00
C VAL C 105 -13.83 -16.85 38.40
N GLY C 106 -12.67 -16.24 38.22
CA GLY C 106 -11.51 -16.94 37.69
C GLY C 106 -11.32 -16.67 36.20
N SER C 107 -11.08 -17.74 35.43
CA SER C 107 -10.81 -17.62 34.00
C SER C 107 -12.06 -17.32 33.19
N SER C 108 -13.25 -17.42 33.77
CA SER C 108 -14.49 -17.14 33.05
C SER C 108 -14.67 -15.66 32.74
N LYS C 109 -13.86 -14.79 33.34
CA LYS C 109 -13.98 -13.34 33.15
C LYS C 109 -13.18 -12.94 31.92
N ILE C 110 -13.76 -13.15 30.74
CA ILE C 110 -13.10 -12.79 29.49
C ILE C 110 -13.95 -11.81 28.70
N LEU C 111 -15.07 -12.29 28.16
CA LEU C 111 -15.95 -11.48 27.32
C LEU C 111 -17.41 -11.72 27.68
N ARG C 112 -17.70 -11.81 28.99
CA ARG C 112 -19.07 -12.10 29.41
C ARG C 112 -19.99 -10.93 29.13
N ALA C 113 -19.59 -9.72 29.52
CA ALA C 113 -20.43 -8.55 29.33
C ALA C 113 -19.59 -7.29 29.49
N SER C 114 -19.88 -6.29 28.68
CA SER C 114 -19.24 -4.98 28.77
C SER C 114 -20.24 -3.96 28.23
N ILE C 115 -20.92 -3.26 29.13
CA ILE C 115 -22.06 -2.41 28.78
C ILE C 115 -21.72 -0.96 29.12
N TRP C 116 -21.96 -0.07 28.16
CA TRP C 116 -21.81 1.36 28.38
C TRP C 116 -22.72 2.09 27.40
N GLU C 117 -23.03 3.34 27.74
CA GLU C 117 -23.85 4.24 26.93
C GLU C 117 -25.27 3.74 26.73
N THR C 118 -25.71 2.75 27.49
CA THR C 118 -27.06 2.21 27.34
C THR C 118 -27.48 1.53 28.64
N ASN C 119 -28.77 1.32 28.78
CA ASN C 119 -29.31 0.67 29.96
C ASN C 119 -29.03 -0.83 29.89
N PRO C 120 -28.31 -1.40 30.86
CA PRO C 120 -28.10 -2.86 30.84
C PRO C 120 -29.38 -3.66 30.93
N GLY C 121 -30.38 -3.17 31.64
CA GLY C 121 -31.62 -3.88 31.79
C GLY C 121 -31.50 -5.07 32.73
N THR C 122 -32.54 -5.90 32.70
CA THR C 122 -32.57 -7.10 33.53
C THR C 122 -31.55 -8.10 33.01
N ILE C 123 -30.57 -8.44 33.84
CA ILE C 123 -29.51 -9.37 33.49
C ILE C 123 -29.53 -10.51 34.50
N ARG C 124 -29.56 -11.74 34.00
CA ARG C 124 -29.60 -12.94 34.83
C ARG C 124 -28.35 -13.77 34.59
N ILE C 125 -27.70 -14.18 35.67
CA ILE C 125 -26.49 -14.99 35.62
C ILE C 125 -26.76 -16.32 36.33
N PHE C 126 -26.50 -17.42 35.66
CA PHE C 126 -26.74 -18.76 36.22
C PHE C 126 -25.46 -19.27 36.89
N SER C 127 -25.10 -18.60 37.98
CA SER C 127 -23.93 -18.98 38.76
C SER C 127 -24.14 -18.56 40.20
N ASN C 128 -23.39 -19.20 41.10
CA ASN C 128 -23.48 -18.87 42.51
C ASN C 128 -22.90 -17.51 42.84
N GLN C 129 -21.87 -17.07 42.11
CA GLN C 129 -21.23 -15.78 42.33
C GLN C 129 -21.25 -14.97 41.04
N VAL C 130 -21.55 -13.68 41.16
CA VAL C 130 -21.60 -12.77 40.03
C VAL C 130 -20.59 -11.67 40.26
N THR C 131 -19.74 -11.41 39.27
CA THR C 131 -18.70 -10.40 39.35
C THR C 131 -19.14 -9.18 38.55
N ALA C 132 -19.40 -8.08 39.25
CA ALA C 132 -19.78 -6.82 38.63
C ALA C 132 -18.66 -5.80 38.85
N THR C 133 -18.15 -5.23 37.77
CA THR C 133 -17.04 -4.28 37.83
C THR C 133 -17.45 -3.01 37.11
N PHE C 134 -17.21 -1.87 37.76
CA PHE C 134 -17.49 -0.56 37.20
C PHE C 134 -16.17 0.15 36.93
N LEU C 135 -15.94 0.55 35.68
CA LEU C 135 -14.73 1.22 35.26
C LEU C 135 -15.06 2.61 34.74
N ILE C 136 -14.34 3.61 35.22
CA ILE C 136 -14.54 4.99 34.79
C ILE C 136 -13.75 5.24 33.52
N GLU C 137 -14.41 5.76 32.49
CA GLU C 137 -13.75 6.04 31.23
C GLU C 137 -12.90 7.31 31.31
N SER C 138 -13.34 8.29 32.08
CA SER C 138 -12.60 9.54 32.24
C SER C 138 -12.97 10.17 33.57
N ASP C 139 -12.12 11.09 34.02
CA ASP C 139 -12.34 11.81 35.26
C ASP C 139 -13.07 13.13 35.05
N GLU C 140 -13.42 13.46 33.81
CA GLU C 140 -14.15 14.69 33.53
C GLU C 140 -15.55 14.63 34.11
N SER C 141 -16.03 15.78 34.59
CA SER C 141 -17.36 15.86 35.20
C SER C 141 -18.45 15.78 34.15
N ASP C 142 -18.69 14.59 33.61
CA ASP C 142 -19.73 14.39 32.62
C ASP C 142 -20.55 13.12 32.89
N TYR C 143 -20.47 12.58 34.10
CA TYR C 143 -21.18 11.36 34.46
C TYR C 143 -21.86 11.55 35.82
N VAL C 144 -22.93 10.79 36.03
CA VAL C 144 -23.73 10.87 37.25
C VAL C 144 -23.52 9.63 38.13
N GLY C 145 -23.86 8.46 37.62
CA GLY C 145 -23.75 7.23 38.36
C GLY C 145 -25.00 6.39 38.19
N PHE C 146 -25.10 5.34 38.99
CA PHE C 146 -26.25 4.44 38.93
C PHE C 146 -26.36 3.69 40.24
N ASN C 147 -27.55 3.15 40.48
CA ASN C 147 -27.81 2.28 41.62
C ASN C 147 -28.64 1.09 41.14
N ALA C 148 -28.22 -0.12 41.50
CA ALA C 148 -28.83 -1.34 41.00
C ALA C 148 -29.22 -2.26 42.15
N THR C 149 -30.25 -3.06 41.91
CA THR C 149 -30.73 -4.06 42.85
C THR C 149 -30.62 -5.44 42.22
N TYR C 150 -30.83 -6.47 43.05
CA TYR C 150 -30.73 -7.84 42.59
C TYR C 150 -31.69 -8.71 43.37
N THR C 151 -31.99 -9.89 42.80
CA THR C 151 -32.84 -10.87 43.45
C THR C 151 -32.42 -12.26 42.99
N ALA C 152 -32.80 -13.26 43.78
CA ALA C 152 -32.43 -14.64 43.51
C ALA C 152 -33.69 -15.49 43.40
N PHE C 153 -33.61 -16.53 42.56
CA PHE C 153 -34.74 -17.42 42.34
C PHE C 153 -34.22 -18.78 41.90
N ASN C 154 -35.08 -19.79 42.03
CA ASN C 154 -34.75 -21.14 41.59
C ASN C 154 -34.57 -21.15 40.08
N SER C 155 -33.37 -21.51 39.62
CA SER C 155 -33.09 -21.53 38.19
C SER C 155 -33.54 -22.80 37.49
N SER C 156 -33.86 -23.86 38.22
CA SER C 156 -34.23 -25.13 37.62
C SER C 156 -35.73 -25.31 37.48
N GLU C 157 -36.54 -24.38 37.98
CA GLU C 157 -37.99 -24.44 37.77
C GLU C 157 -38.42 -23.85 36.45
N LEU C 158 -37.51 -23.27 35.69
CA LEU C 158 -37.84 -22.66 34.41
C LEU C 158 -38.23 -23.74 33.39
N ASN C 159 -39.26 -23.46 32.62
CA ASN C 159 -39.70 -24.38 31.58
C ASN C 159 -38.97 -24.07 30.27
N ASN C 160 -39.26 -24.86 29.23
CA ASN C 160 -38.60 -24.66 27.95
C ASN C 160 -38.97 -23.33 27.32
N TYR C 161 -40.17 -22.82 27.62
CA TYR C 161 -40.61 -21.55 27.04
C TYR C 161 -39.76 -20.39 27.56
N GLU C 162 -39.57 -20.31 28.88
CA GLU C 162 -38.85 -19.18 29.46
C GLU C 162 -37.37 -19.24 29.09
N LYS C 163 -36.80 -20.44 28.98
CA LYS C 163 -35.38 -20.57 28.66
C LYS C 163 -35.05 -20.09 27.25
N ILE C 164 -36.04 -20.00 26.37
CA ILE C 164 -35.81 -19.64 24.97
C ILE C 164 -36.44 -18.30 24.62
N ASN C 165 -37.67 -18.05 25.09
CA ASN C 165 -38.36 -16.81 24.76
C ASN C 165 -37.59 -15.59 25.28
N CYS C 166 -37.09 -14.77 24.36
CA CYS C 166 -36.31 -13.59 24.74
C CYS C 166 -36.34 -12.61 23.58
N ASN C 167 -36.88 -11.42 23.81
CA ASN C 167 -36.88 -10.35 22.83
C ASN C 167 -35.60 -9.51 22.90
N PHE C 168 -34.68 -9.86 23.79
CA PHE C 168 -33.42 -9.15 23.98
C PHE C 168 -33.62 -7.70 24.40
N GLU C 169 -34.81 -7.38 24.92
CA GLU C 169 -35.03 -6.04 25.47
C GLU C 169 -34.14 -5.79 26.68
N ASP C 170 -33.96 -6.82 27.51
CA ASP C 170 -33.14 -6.74 28.72
C ASP C 170 -32.07 -7.83 28.63
N GLY C 171 -30.96 -7.51 27.99
CA GLY C 171 -29.85 -8.45 27.91
C GLY C 171 -30.19 -9.71 27.17
N PHE C 172 -29.61 -10.82 27.61
CA PHE C 172 -29.81 -12.13 27.00
C PHE C 172 -30.90 -12.94 27.69
N CYS C 173 -31.62 -12.34 28.64
CA CYS C 173 -32.63 -13.02 29.43
C CYS C 173 -32.05 -14.23 30.15
N PHE C 174 -32.27 -15.43 29.61
CA PHE C 174 -31.84 -16.68 30.22
C PHE C 174 -30.78 -17.39 29.38
N TRP C 175 -30.13 -16.67 28.46
CA TRP C 175 -29.16 -17.26 27.56
C TRP C 175 -27.73 -16.99 28.06
N VAL C 176 -26.86 -17.98 27.81
CA VAL C 176 -25.46 -17.91 28.24
C VAL C 176 -24.59 -18.00 27.00
N GLN C 177 -23.63 -17.08 26.89
CA GLN C 177 -22.73 -17.06 25.75
C GLN C 177 -21.80 -18.29 25.77
N ASP C 178 -21.38 -18.71 24.58
CA ASP C 178 -20.48 -19.84 24.46
C ASP C 178 -19.08 -19.47 24.93
N LEU C 179 -18.26 -20.49 25.18
CA LEU C 179 -16.88 -20.30 25.60
C LEU C 179 -15.87 -21.04 24.75
N ASN C 180 -16.31 -21.79 23.75
CA ASN C 180 -15.42 -22.55 22.89
C ASN C 180 -15.01 -21.79 21.64
N ASP C 181 -15.44 -20.54 21.48
CA ASP C 181 -15.12 -19.72 20.32
C ASP C 181 -14.19 -18.59 20.73
N ASP C 182 -13.88 -17.72 19.77
CA ASP C 182 -12.91 -16.65 19.99
C ASP C 182 -13.55 -15.47 20.72
N ASN C 183 -14.55 -14.85 20.09
CA ASN C 183 -15.18 -13.66 20.63
C ASN C 183 -16.68 -13.87 20.71
N GLU C 184 -17.29 -13.30 21.75
CA GLU C 184 -18.71 -13.52 22.03
C GLU C 184 -19.53 -12.30 21.61
N TRP C 185 -20.82 -12.33 21.94
CA TRP C 185 -21.75 -11.29 21.52
C TRP C 185 -21.64 -10.08 22.46
N GLU C 186 -22.47 -9.07 22.19
CA GLU C 186 -22.56 -7.89 23.03
C GLU C 186 -23.91 -7.24 22.80
N ARG C 187 -24.28 -6.33 23.70
CA ARG C 187 -25.58 -5.67 23.67
C ARG C 187 -25.46 -4.34 22.94
N ILE C 188 -26.31 -4.14 21.93
CA ILE C 188 -26.31 -2.93 21.11
C ILE C 188 -27.73 -2.40 21.04
N GLN C 189 -27.90 -1.10 21.27
CA GLN C 189 -29.18 -0.42 21.15
C GLN C 189 -29.14 0.51 19.95
N GLY C 190 -30.13 0.38 19.07
CA GLY C 190 -30.19 1.21 17.89
C GLY C 190 -29.28 0.70 16.77
N SER C 191 -29.05 1.59 15.81
CA SER C 191 -28.22 1.24 14.66
C SER C 191 -26.77 1.06 15.07
N THR C 192 -26.07 0.24 14.31
CA THR C 192 -24.66 -0.06 14.56
C THR C 192 -23.76 0.80 13.70
N PHE C 193 -22.46 0.72 13.96
CA PHE C 193 -21.47 1.44 13.19
C PHE C 193 -21.21 0.70 11.88
N SER C 194 -20.19 1.14 11.13
CA SER C 194 -19.79 0.53 9.87
C SER C 194 -20.98 0.42 8.91
N PRO C 195 -21.41 1.52 8.30
CA PRO C 195 -22.59 1.48 7.41
C PRO C 195 -22.49 0.41 6.32
N PHE C 196 -23.64 0.06 5.75
CA PHE C 196 -23.84 -1.01 4.77
C PHE C 196 -23.70 -2.40 5.37
N THR C 197 -23.62 -2.50 6.70
CA THR C 197 -23.68 -3.79 7.38
C THR C 197 -24.23 -3.58 8.78
N GLY C 198 -24.75 -4.65 9.36
CA GLY C 198 -25.35 -4.59 10.67
C GLY C 198 -26.73 -3.98 10.65
N PRO C 199 -27.58 -4.35 11.60
CA PRO C 199 -28.94 -3.81 11.65
C PRO C 199 -28.94 -2.33 11.98
N ASN C 200 -29.92 -1.63 11.42
CA ASN C 200 -30.13 -0.21 11.69
C ASN C 200 -31.23 0.05 12.71
N PHE C 201 -31.97 -0.98 13.11
CA PHE C 201 -33.05 -0.81 14.06
C PHE C 201 -33.35 -2.16 14.70
N ASP C 202 -34.09 -2.12 15.80
CA ASP C 202 -34.47 -3.33 16.52
C ASP C 202 -35.77 -3.90 15.97
N HIS C 203 -35.82 -5.22 15.85
CA HIS C 203 -37.00 -5.86 15.27
C HIS C 203 -38.18 -5.86 16.26
N THR C 204 -37.90 -6.04 17.55
CA THR C 204 -38.98 -6.14 18.53
C THR C 204 -39.72 -4.81 18.68
N PHE C 205 -38.97 -3.72 18.85
CA PHE C 205 -39.59 -2.42 19.07
C PHE C 205 -39.90 -1.68 17.78
N GLY C 206 -39.12 -1.92 16.72
CA GLY C 206 -39.37 -1.34 15.42
C GLY C 206 -38.53 -0.13 15.09
N ASN C 207 -37.89 0.50 16.08
CA ASN C 207 -37.07 1.67 15.82
C ASN C 207 -35.82 1.58 16.71
N ALA C 208 -35.07 2.68 16.77
CA ALA C 208 -33.76 2.69 17.42
C ALA C 208 -33.85 2.55 18.93
N SER C 209 -35.03 2.71 19.54
CA SER C 209 -35.15 2.59 20.98
C SER C 209 -35.07 1.15 21.47
N GLY C 210 -35.14 0.17 20.58
CA GLY C 210 -35.14 -1.22 20.99
C GLY C 210 -33.77 -1.71 21.39
N PHE C 211 -33.75 -2.94 21.92
CA PHE C 211 -32.54 -3.57 22.44
C PHE C 211 -32.40 -4.95 21.82
N TYR C 212 -31.17 -5.29 21.41
CA TYR C 212 -30.91 -6.56 20.74
C TYR C 212 -29.45 -6.90 20.93
N ILE C 213 -29.02 -7.97 20.23
CA ILE C 213 -27.64 -8.43 20.25
C ILE C 213 -27.17 -8.61 18.82
N SER C 214 -25.85 -8.56 18.64
CA SER C 214 -25.23 -8.73 17.33
C SER C 214 -23.75 -8.99 17.55
N THR C 215 -23.04 -9.25 16.46
CA THR C 215 -21.60 -9.39 16.51
C THR C 215 -20.94 -8.04 16.82
N PRO C 216 -19.76 -8.04 17.43
CA PRO C 216 -19.12 -6.76 17.77
C PRO C 216 -18.86 -5.91 16.54
N THR C 217 -19.03 -4.60 16.72
CA THR C 217 -18.85 -3.64 15.63
C THR C 217 -17.44 -3.09 15.54
N GLY C 218 -16.51 -3.60 16.35
CA GLY C 218 -15.14 -3.17 16.32
C GLY C 218 -14.52 -3.39 14.95
N PRO C 219 -13.84 -2.38 14.42
CA PRO C 219 -13.27 -2.49 13.08
C PRO C 219 -12.07 -3.42 13.02
N GLY C 220 -12.30 -4.72 13.23
CA GLY C 220 -11.23 -5.69 13.15
C GLY C 220 -11.04 -6.24 11.75
N GLY C 221 -9.85 -6.79 11.52
CA GLY C 221 -9.52 -7.37 10.24
C GLY C 221 -9.14 -8.83 10.32
N ARG C 222 -9.78 -9.56 11.22
CA ARG C 222 -9.51 -10.97 11.44
C ARG C 222 -10.81 -11.75 11.54
N GLN C 223 -10.73 -13.04 11.21
CA GLN C 223 -11.89 -13.92 11.29
C GLN C 223 -12.07 -14.42 12.72
N GLU C 224 -13.28 -14.30 13.25
CA GLU C 224 -13.59 -14.72 14.61
C GLU C 224 -14.88 -15.53 14.62
N ARG C 225 -15.00 -16.41 15.60
CA ARG C 225 -16.18 -17.25 15.77
C ARG C 225 -16.97 -16.75 16.97
N VAL C 226 -18.27 -16.59 16.79
CA VAL C 226 -19.18 -16.12 17.83
C VAL C 226 -20.26 -17.17 18.03
N GLY C 227 -20.45 -17.59 19.27
CA GLY C 227 -21.41 -18.63 19.59
C GLY C 227 -22.24 -18.29 20.80
N LEU C 228 -23.47 -18.80 20.80
CA LEU C 228 -24.41 -18.61 21.90
C LEU C 228 -24.98 -19.97 22.29
N LEU C 229 -25.10 -20.20 23.60
CA LEU C 229 -25.60 -21.45 24.14
C LEU C 229 -26.92 -21.24 24.85
N SER C 230 -27.64 -22.34 25.08
CA SER C 230 -28.93 -22.32 25.73
C SER C 230 -28.94 -23.27 26.92
N LEU C 231 -29.87 -23.02 27.84
CA LEU C 231 -30.01 -23.88 29.02
C LEU C 231 -30.54 -25.25 28.60
N PRO C 232 -30.25 -26.29 29.39
CA PRO C 232 -30.79 -27.62 29.07
C PRO C 232 -32.30 -27.62 29.05
N LEU C 233 -32.87 -28.37 28.10
CA LEU C 233 -34.31 -28.46 27.92
C LEU C 233 -34.76 -29.86 28.29
N ASP C 234 -35.73 -29.96 29.20
CA ASP C 234 -36.24 -31.24 29.62
C ASP C 234 -37.02 -31.90 28.48
N PRO C 235 -36.97 -33.23 28.38
CA PRO C 235 -37.74 -33.91 27.33
C PRO C 235 -39.23 -33.69 27.49
N THR C 236 -39.92 -33.58 26.36
CA THR C 236 -41.37 -33.36 26.34
C THR C 236 -42.03 -34.37 25.43
N LEU C 237 -43.29 -34.68 25.73
CA LEU C 237 -44.07 -35.61 24.93
C LEU C 237 -44.54 -35.00 23.61
N GLU C 238 -44.37 -33.70 23.41
CA GLU C 238 -44.80 -33.02 22.20
C GLU C 238 -43.61 -32.29 21.60
N PRO C 239 -43.39 -32.39 20.29
CA PRO C 239 -42.27 -31.66 19.67
C PRO C 239 -42.47 -30.16 19.77
N ALA C 240 -41.36 -29.44 19.86
CA ALA C 240 -41.37 -27.99 20.00
C ALA C 240 -40.82 -27.34 18.73
N CYS C 241 -41.39 -26.19 18.39
CA CYS C 241 -40.98 -25.41 17.23
C CYS C 241 -40.26 -24.16 17.69
N LEU C 242 -39.09 -23.89 17.11
CA LEU C 242 -38.26 -22.75 17.49
C LEU C 242 -38.46 -21.62 16.50
N SER C 243 -38.81 -20.44 17.02
CA SER C 243 -39.03 -19.25 16.22
C SER C 243 -37.97 -18.22 16.58
N PHE C 244 -37.30 -17.68 15.55
CA PHE C 244 -36.24 -16.70 15.76
C PHE C 244 -36.09 -15.84 14.52
N TRP C 245 -35.61 -14.62 14.72
CA TRP C 245 -35.33 -13.69 13.64
C TRP C 245 -33.84 -13.43 13.59
N TYR C 246 -33.24 -13.59 12.41
CA TYR C 246 -31.81 -13.42 12.23
C TYR C 246 -31.54 -12.36 11.17
N HIS C 247 -30.58 -11.48 11.46
CA HIS C 247 -30.19 -10.40 10.55
C HIS C 247 -28.77 -10.66 10.07
N MET C 248 -28.60 -10.75 8.76
CA MET C 248 -27.31 -11.05 8.14
C MET C 248 -27.03 -10.00 7.07
N TYR C 249 -26.41 -8.89 7.48
CA TYR C 249 -26.07 -7.80 6.58
C TYR C 249 -24.55 -7.66 6.52
N GLY C 250 -24.01 -7.64 5.30
CA GLY C 250 -22.59 -7.50 5.12
C GLY C 250 -22.04 -8.31 3.96
N GLU C 251 -21.09 -7.73 3.23
CA GLU C 251 -20.48 -8.42 2.09
C GLU C 251 -19.58 -9.56 2.51
N ASN C 252 -19.19 -9.64 3.78
CA ASN C 252 -18.27 -10.66 4.27
C ASN C 252 -18.96 -11.66 5.19
N VAL C 253 -20.29 -11.72 5.17
CA VAL C 253 -21.00 -12.68 6.01
C VAL C 253 -20.70 -14.09 5.51
N HIS C 254 -20.21 -14.95 6.42
CA HIS C 254 -19.75 -16.27 6.03
C HIS C 254 -20.84 -17.33 6.17
N LYS C 255 -21.33 -17.55 7.40
CA LYS C 255 -22.29 -18.61 7.64
C LYS C 255 -22.89 -18.44 9.03
N LEU C 256 -24.18 -18.70 9.14
CA LEU C 256 -24.89 -18.74 10.43
C LEU C 256 -25.59 -20.09 10.53
N SER C 257 -25.27 -20.84 11.58
CA SER C 257 -25.77 -22.20 11.72
C SER C 257 -26.18 -22.45 13.17
N ILE C 258 -27.03 -23.45 13.35
CA ILE C 258 -27.52 -23.86 14.67
C ILE C 258 -27.20 -25.33 14.86
N ASN C 259 -26.57 -25.66 15.99
CA ASN C 259 -26.23 -27.03 16.34
C ASN C 259 -27.00 -27.45 17.57
N ILE C 260 -27.58 -28.65 17.53
CA ILE C 260 -28.35 -29.20 18.63
C ILE C 260 -27.52 -30.34 19.22
N SER C 261 -27.15 -30.21 20.49
CA SER C 261 -26.34 -31.19 21.19
C SER C 261 -27.15 -31.80 22.32
N ASN C 262 -27.21 -33.13 22.36
CA ASN C 262 -27.93 -33.88 23.38
C ASN C 262 -26.96 -34.73 24.18
N ASP C 263 -27.50 -35.52 25.10
CA ASP C 263 -26.69 -36.42 25.91
C ASP C 263 -26.07 -37.55 25.09
N GLN C 264 -26.64 -37.85 23.91
CA GLN C 264 -26.13 -38.90 23.04
C GLN C 264 -25.03 -38.41 22.12
N ASN C 265 -24.66 -37.13 22.20
CA ASN C 265 -23.60 -36.54 21.37
C ASN C 265 -23.90 -36.65 19.88
N MET C 266 -25.19 -36.64 19.52
CA MET C 266 -25.60 -36.69 18.13
C MET C 266 -25.87 -35.27 17.62
N GLU C 267 -24.77 -34.53 17.45
CA GLU C 267 -24.85 -33.15 16.98
C GLU C 267 -25.37 -33.12 15.55
N LYS C 268 -26.36 -32.25 15.31
CA LYS C 268 -26.95 -32.10 13.99
C LYS C 268 -27.27 -30.63 13.75
N THR C 269 -27.35 -30.27 12.48
CA THR C 269 -27.65 -28.90 12.06
C THR C 269 -29.01 -28.86 11.39
N VAL C 270 -29.90 -28.02 11.89
CA VAL C 270 -31.23 -27.86 11.31
C VAL C 270 -31.43 -26.50 10.66
N PHE C 271 -30.57 -25.52 10.95
CA PHE C 271 -30.66 -24.19 10.37
C PHE C 271 -29.28 -23.78 9.87
N GLN C 272 -29.23 -23.24 8.66
CA GLN C 272 -27.96 -22.81 8.07
C GLN C 272 -28.25 -21.82 6.96
N LYS C 273 -27.64 -20.63 7.05
CA LYS C 273 -27.75 -19.61 6.03
C LYS C 273 -26.37 -19.05 5.70
N GLU C 274 -26.19 -18.67 4.44
CA GLU C 274 -24.92 -18.13 3.97
C GLU C 274 -25.19 -16.92 3.08
N GLY C 275 -24.18 -16.07 2.96
CA GLY C 275 -24.27 -14.91 2.10
C GLY C 275 -24.92 -13.72 2.78
N ASN C 276 -25.13 -12.68 1.97
CA ASN C 276 -25.71 -11.42 2.42
C ASN C 276 -27.16 -11.33 1.99
N TYR C 277 -28.05 -11.11 2.95
CA TYR C 277 -29.48 -10.99 2.70
C TYR C 277 -29.98 -9.56 2.78
N GLY C 278 -29.09 -8.59 2.93
CA GLY C 278 -29.48 -7.19 3.02
C GLY C 278 -29.92 -6.80 4.42
N ASP C 279 -30.37 -5.54 4.53
CA ASP C 279 -30.83 -4.99 5.79
C ASP C 279 -32.29 -5.34 6.00
N ASN C 280 -32.54 -6.64 6.18
CA ASN C 280 -33.87 -7.16 6.41
C ASN C 280 -33.80 -8.27 7.46
N TRP C 281 -34.72 -8.24 8.42
CA TRP C 281 -34.79 -9.27 9.43
C TRP C 281 -35.51 -10.50 8.87
N ASN C 282 -34.84 -11.64 8.90
CA ASN C 282 -35.36 -12.88 8.33
C ASN C 282 -35.84 -13.80 9.44
N TYR C 283 -37.05 -14.34 9.29
CA TYR C 283 -37.63 -15.22 10.28
C TYR C 283 -37.14 -16.65 10.08
N GLY C 284 -36.77 -17.30 11.18
CA GLY C 284 -36.33 -18.68 11.17
C GLY C 284 -37.33 -19.57 11.88
N GLN C 285 -37.40 -20.82 11.45
CA GLN C 285 -38.37 -21.76 12.01
C GLN C 285 -37.85 -23.17 11.84
N VAL C 286 -37.60 -23.86 12.95
CA VAL C 286 -37.13 -25.24 12.94
C VAL C 286 -37.96 -26.04 13.94
N THR C 287 -38.00 -27.35 13.73
CA THR C 287 -38.74 -28.27 14.58
C THR C 287 -37.74 -29.21 15.26
N LEU C 288 -37.86 -29.35 16.58
CA LEU C 288 -36.96 -30.19 17.36
C LEU C 288 -37.78 -31.13 18.24
N ASN C 289 -37.42 -32.41 18.24
CA ASN C 289 -38.03 -33.39 19.13
C ASN C 289 -36.95 -34.37 19.57
N GLU C 290 -36.54 -34.28 20.84
CA GLU C 290 -35.51 -35.15 21.39
C GLU C 290 -36.07 -35.85 22.62
N THR C 291 -35.80 -37.16 22.72
CA THR C 291 -36.25 -37.94 23.85
C THR C 291 -35.42 -37.70 25.11
N VAL C 292 -34.28 -37.03 24.99
CA VAL C 292 -33.40 -36.72 26.11
C VAL C 292 -33.17 -35.21 26.13
N LYS C 293 -32.44 -34.76 27.16
CA LYS C 293 -32.13 -33.35 27.28
C LYS C 293 -31.23 -32.90 26.13
N PHE C 294 -31.42 -31.66 25.68
CA PHE C 294 -30.66 -31.13 24.57
C PHE C 294 -30.53 -29.62 24.74
N LYS C 295 -29.54 -29.05 24.05
CA LYS C 295 -29.27 -27.63 24.07
C LYS C 295 -29.26 -27.08 22.65
N VAL C 296 -29.68 -25.83 22.51
CA VAL C 296 -29.70 -25.14 21.22
C VAL C 296 -28.54 -24.16 21.20
N ALA C 297 -27.65 -24.32 20.22
CA ALA C 297 -26.46 -23.49 20.10
C ALA C 297 -26.52 -22.69 18.81
N PHE C 298 -26.39 -21.37 18.93
CA PHE C 298 -26.34 -20.48 17.77
C PHE C 298 -24.87 -20.27 17.41
N ASN C 299 -24.49 -20.74 16.23
CA ASN C 299 -23.11 -20.64 15.75
C ASN C 299 -23.04 -19.59 14.66
N ALA C 300 -22.24 -18.55 14.88
CA ALA C 300 -22.03 -17.48 13.92
C ALA C 300 -20.55 -17.38 13.59
N PHE C 301 -20.23 -17.41 12.30
CA PHE C 301 -18.86 -17.31 11.83
C PHE C 301 -18.65 -15.89 11.29
N LYS C 302 -17.81 -15.12 11.97
CA LYS C 302 -17.59 -13.72 11.62
C LYS C 302 -16.27 -13.57 10.88
N ASN C 303 -16.34 -12.98 9.70
CA ASN C 303 -15.16 -12.70 8.89
C ASN C 303 -14.63 -11.32 9.27
N LYS C 304 -13.77 -10.74 8.43
CA LYS C 304 -13.21 -9.43 8.68
C LYS C 304 -14.31 -8.37 8.61
N ILE C 305 -13.91 -7.10 8.73
CA ILE C 305 -14.83 -5.96 8.85
C ILE C 305 -15.93 -6.03 7.80
N LEU C 306 -17.12 -5.53 8.17
CA LEU C 306 -18.33 -5.57 7.34
C LEU C 306 -18.85 -7.00 7.18
N SER C 307 -18.92 -7.72 8.30
CA SER C 307 -19.47 -9.07 8.36
C SER C 307 -20.36 -9.24 9.58
N ASP C 308 -21.21 -8.25 9.86
CA ASP C 308 -22.01 -8.26 11.08
C ASP C 308 -23.21 -9.19 10.93
N ILE C 309 -23.49 -9.93 11.99
CA ILE C 309 -24.65 -10.83 12.07
C ILE C 309 -25.39 -10.52 13.37
N ALA C 310 -26.72 -10.39 13.28
CA ALA C 310 -27.54 -10.02 14.42
C ALA C 310 -28.65 -11.05 14.64
N LEU C 311 -29.03 -11.22 15.90
CA LEU C 311 -30.11 -12.11 16.28
C LEU C 311 -31.06 -11.38 17.21
N ASP C 312 -32.37 -11.60 17.01
CA ASP C 312 -33.38 -10.94 17.83
C ASP C 312 -34.67 -11.74 17.76
N ASP C 313 -35.50 -11.56 18.78
CA ASP C 313 -36.85 -12.13 18.84
C ASP C 313 -36.80 -13.66 18.72
N ILE C 314 -36.17 -14.28 19.72
CA ILE C 314 -36.05 -15.74 19.80
C ILE C 314 -37.08 -16.25 20.79
N SER C 315 -37.90 -17.21 20.36
CA SER C 315 -38.94 -17.76 21.22
C SER C 315 -39.19 -19.22 20.82
N LEU C 316 -39.77 -19.96 21.75
CA LEU C 316 -40.07 -21.38 21.57
C LEU C 316 -41.55 -21.62 21.80
N THR C 317 -42.20 -22.31 20.88
CA THR C 317 -43.60 -22.69 21.00
C THR C 317 -43.71 -24.21 21.08
N TYR C 318 -44.95 -24.69 21.09
CA TYR C 318 -45.23 -26.11 21.23
C TYR C 318 -45.97 -26.64 20.01
N GLY C 319 -45.75 -27.91 19.70
CA GLY C 319 -46.39 -28.54 18.57
C GLY C 319 -45.59 -28.41 17.29
N ILE C 320 -46.11 -29.03 16.24
CA ILE C 320 -45.48 -28.98 14.93
C ILE C 320 -45.53 -27.55 14.40
N CYS C 321 -44.47 -27.17 13.68
CA CYS C 321 -44.41 -25.83 13.12
C CYS C 321 -45.54 -25.60 12.12
N ASN C 322 -46.11 -24.40 12.15
CA ASN C 322 -47.17 -24.02 11.23
C ASN C 322 -46.57 -23.43 9.96
N GLY C 323 -47.44 -22.97 9.06
CA GLY C 323 -46.97 -22.33 7.84
C GLY C 323 -46.24 -21.04 8.16
N SER C 324 -45.05 -20.89 7.60
CA SER C 324 -44.24 -19.70 7.85
C SER C 324 -44.80 -18.53 7.07
N LEU C 325 -45.33 -17.52 7.77
CA LEU C 325 -45.85 -16.34 7.11
C LEU C 325 -44.73 -15.59 6.38
N TYR C 326 -43.58 -15.46 7.02
CA TYR C 326 -42.43 -14.82 6.38
C TYR C 326 -41.73 -15.83 5.48
N PRO C 327 -41.58 -15.56 4.18
CA PRO C 327 -40.96 -16.54 3.28
C PRO C 327 -39.47 -16.65 3.48
N GLU C 328 -38.82 -17.49 2.67
CA GLU C 328 -37.38 -17.66 2.76
C GLU C 328 -36.67 -16.38 2.35
N PRO C 329 -35.54 -16.04 2.98
CA PRO C 329 -34.84 -14.81 2.63
C PRO C 329 -34.22 -14.89 1.24
N THR C 330 -34.03 -13.72 0.64
CA THR C 330 -33.47 -13.60 -0.69
C THR C 330 -32.07 -13.02 -0.60
N LEU C 331 -31.10 -13.70 -1.24
CA LEU C 331 -29.74 -13.22 -1.26
C LEU C 331 -29.59 -11.99 -2.15
N VAL C 332 -28.67 -11.11 -1.75
CA VAL C 332 -28.34 -9.93 -2.55
C VAL C 332 -27.60 -10.38 -3.79
N PRO C 333 -28.07 -10.05 -5.00
CA PRO C 333 -27.40 -10.51 -6.21
C PRO C 333 -25.99 -9.96 -6.32
N THR C 334 -25.09 -10.81 -6.82
CA THR C 334 -23.70 -10.41 -7.03
C THR C 334 -23.54 -9.73 -8.39
N PRO C 335 -22.54 -8.87 -8.54
CA PRO C 335 -22.26 -8.28 -9.85
C PRO C 335 -21.96 -9.36 -10.88
N PRO C 336 -22.43 -9.20 -12.11
CA PRO C 336 -22.25 -10.25 -13.13
C PRO C 336 -20.79 -10.40 -13.50
N PRO C 337 -20.22 -11.60 -13.32
CA PRO C 337 -18.84 -11.84 -13.74
C PRO C 337 -18.74 -12.31 -15.19
N GLU C 338 -19.81 -12.11 -15.94
CA GLU C 338 -19.88 -12.61 -17.31
C GLU C 338 -18.94 -11.85 -18.21
N LEU C 339 -17.80 -12.46 -18.54
CA LEU C 339 -16.80 -11.96 -19.48
C LEU C 339 -16.37 -10.53 -19.16
N PRO C 340 -15.61 -10.32 -18.09
CA PRO C 340 -15.11 -8.97 -17.82
C PRO C 340 -13.83 -8.64 -18.59
N THR C 341 -13.51 -9.43 -19.61
CA THR C 341 -12.24 -9.28 -20.34
C THR C 341 -12.11 -7.90 -20.96
N ASP C 342 -12.97 -7.58 -21.93
CA ASP C 342 -12.89 -6.31 -22.64
C ASP C 342 -14.19 -6.09 -23.42
N CYS C 343 -14.30 -4.90 -24.00
CA CYS C 343 -15.48 -4.54 -24.79
C CYS C 343 -15.21 -4.48 -26.28
N GLY C 344 -13.98 -4.19 -26.69
CA GLY C 344 -13.65 -4.10 -28.10
C GLY C 344 -14.04 -2.78 -28.73
N GLY C 345 -15.33 -2.59 -28.98
CA GLY C 345 -15.84 -1.35 -29.50
C GLY C 345 -15.24 -0.98 -30.85
N PRO C 346 -14.82 0.28 -30.98
CA PRO C 346 -14.25 0.76 -32.26
C PRO C 346 -12.86 0.23 -32.52
N PHE C 347 -12.76 -0.97 -33.10
CA PHE C 347 -11.46 -1.58 -33.35
C PHE C 347 -10.63 -0.75 -34.34
N GLU C 348 -11.28 -0.21 -35.36
CA GLU C 348 -10.60 0.53 -36.41
C GLU C 348 -10.98 2.01 -36.36
N LEU C 349 -9.98 2.88 -36.39
CA LEU C 349 -10.18 4.33 -36.43
C LEU C 349 -9.34 4.90 -37.57
N TRP C 350 -9.96 4.96 -38.75
CA TRP C 350 -9.32 5.56 -39.93
C TRP C 350 -10.44 6.18 -40.76
N GLU C 351 -10.14 6.47 -42.04
CA GLU C 351 -11.11 7.05 -42.98
C GLU C 351 -11.45 8.47 -42.56
N PRO C 352 -12.26 9.21 -43.34
CA PRO C 352 -12.65 10.57 -42.93
C PRO C 352 -13.66 10.60 -41.80
N ASN C 353 -13.82 9.47 -41.10
CA ASN C 353 -14.73 9.39 -39.96
C ASN C 353 -14.52 10.53 -38.98
N THR C 354 -15.58 10.90 -38.27
CA THR C 354 -15.55 12.05 -37.38
C THR C 354 -14.87 11.69 -36.07
N THR C 355 -14.95 12.59 -35.09
CA THR C 355 -14.24 12.41 -33.83
C THR C 355 -14.73 11.17 -33.09
N PHE C 356 -13.80 10.48 -32.43
CA PHE C 356 -14.13 9.29 -31.66
C PHE C 356 -15.15 9.62 -30.57
N SER C 357 -16.15 8.74 -30.43
CA SER C 357 -17.18 8.89 -29.42
C SER C 357 -17.62 7.51 -28.96
N SER C 358 -17.41 7.20 -27.68
CA SER C 358 -17.78 5.92 -27.10
C SER C 358 -19.14 5.95 -26.44
N THR C 359 -19.88 7.06 -26.55
CA THR C 359 -21.23 7.23 -25.99
C THR C 359 -21.23 7.14 -24.47
N ASN C 360 -20.04 7.03 -23.85
CA ASN C 360 -19.94 7.04 -22.40
C ASN C 360 -18.74 7.84 -21.91
N PHE C 361 -18.21 8.74 -22.74
CA PHE C 361 -17.06 9.55 -22.35
C PHE C 361 -17.34 10.42 -21.12
N PRO C 362 -18.47 11.14 -21.02
CA PRO C 362 -18.69 11.96 -19.82
C PRO C 362 -18.71 11.16 -18.51
N ASN C 363 -19.22 9.93 -18.53
CA ASN C 363 -19.36 9.19 -17.29
C ASN C 363 -18.17 8.27 -17.01
N SER C 364 -17.93 7.29 -17.87
CA SER C 364 -16.88 6.30 -17.64
C SER C 364 -16.73 5.35 -18.82
N TYR C 365 -15.54 4.77 -18.98
CA TYR C 365 -15.26 3.74 -19.96
C TYR C 365 -15.29 2.37 -19.30
N PRO C 366 -15.53 1.31 -20.08
CA PRO C 366 -15.54 -0.04 -19.50
C PRO C 366 -14.19 -0.39 -18.87
N ASN C 367 -14.25 -1.11 -17.76
CA ASN C 367 -13.04 -1.50 -17.03
C ASN C 367 -12.31 -2.62 -17.78
N LEU C 368 -11.04 -2.82 -17.39
CA LEU C 368 -10.18 -3.82 -18.01
C LEU C 368 -10.11 -3.64 -19.52
N ALA C 369 -9.99 -2.38 -19.94
CA ALA C 369 -9.94 -2.08 -21.37
C ALA C 369 -8.64 -2.56 -21.99
N PHE C 370 -8.75 -3.18 -23.17
CA PHE C 370 -7.58 -3.54 -23.96
C PHE C 370 -7.81 -3.25 -25.44
N CYS C 371 -8.71 -2.32 -25.76
CA CYS C 371 -9.10 -2.05 -27.13
C CYS C 371 -7.99 -1.30 -27.86
N VAL C 372 -8.08 -1.32 -29.19
CA VAL C 372 -7.14 -0.62 -30.06
C VAL C 372 -7.94 0.21 -31.06
N TRP C 373 -7.33 1.28 -31.54
CA TRP C 373 -7.98 2.17 -32.51
C TRP C 373 -7.41 2.06 -33.91
N ILE C 374 -6.10 1.85 -34.04
CA ILE C 374 -5.44 1.67 -35.33
C ILE C 374 -5.67 2.90 -36.20
N LEU C 375 -4.85 3.92 -36.02
CA LEU C 375 -4.94 5.13 -36.83
C LEU C 375 -4.12 4.94 -38.09
N ASN C 376 -4.79 4.92 -39.24
CA ASN C 376 -4.16 4.67 -40.53
C ASN C 376 -4.31 5.89 -41.43
N ALA C 377 -3.30 6.08 -42.30
CA ALA C 377 -3.30 7.18 -43.25
C ALA C 377 -2.71 6.68 -44.57
N GLN C 378 -2.68 7.56 -45.56
CA GLN C 378 -2.14 7.20 -46.86
C GLN C 378 -0.61 7.09 -46.79
N LYS C 379 -0.05 6.48 -47.84
CA LYS C 379 1.40 6.31 -47.90
C LYS C 379 2.10 7.66 -47.95
N GLY C 380 3.17 7.79 -47.17
CA GLY C 380 3.92 9.03 -47.08
C GLY C 380 3.42 10.00 -46.04
N LYS C 381 2.32 9.70 -45.37
CA LYS C 381 1.76 10.57 -44.34
C LYS C 381 2.13 10.07 -42.95
N ASN C 382 1.88 10.92 -41.96
CA ASN C 382 2.08 10.59 -40.55
C ASN C 382 0.73 10.69 -39.84
N ILE C 383 0.76 10.51 -38.51
CA ILE C 383 -0.43 10.58 -37.68
C ILE C 383 -0.19 11.58 -36.56
N GLN C 384 -1.13 12.49 -36.36
CA GLN C 384 -1.10 13.46 -35.28
C GLN C 384 -2.24 13.18 -34.32
N LEU C 385 -1.91 13.02 -33.04
CA LEU C 385 -2.88 12.68 -32.00
C LEU C 385 -3.03 13.88 -31.08
N HIS C 386 -3.94 14.79 -31.44
CA HIS C 386 -4.19 15.99 -30.66
C HIS C 386 -5.35 15.70 -29.70
N PHE C 387 -5.09 15.80 -28.40
CA PHE C 387 -6.09 15.46 -27.39
C PHE C 387 -6.99 16.65 -27.10
N GLN C 388 -8.28 16.36 -26.93
CA GLN C 388 -9.26 17.38 -26.56
C GLN C 388 -9.32 17.56 -25.04
N GLU C 389 -9.66 16.49 -24.33
CA GLU C 389 -9.72 16.50 -22.88
C GLU C 389 -9.15 15.19 -22.35
N PHE C 390 -8.29 15.29 -21.34
CA PHE C 390 -7.62 14.13 -20.76
C PHE C 390 -7.89 14.10 -19.27
N ASP C 391 -8.30 12.93 -18.77
CA ASP C 391 -8.61 12.78 -17.34
C ASP C 391 -8.47 11.30 -16.99
N LEU C 392 -7.46 10.97 -16.19
CA LEU C 392 -7.22 9.61 -15.75
C LEU C 392 -6.86 9.62 -14.27
N ALA C 393 -6.77 8.41 -13.70
CA ALA C 393 -6.46 8.22 -12.30
C ALA C 393 -4.94 8.18 -12.11
N ASN C 394 -4.49 7.69 -10.96
CA ASN C 394 -3.07 7.57 -10.66
C ASN C 394 -2.45 6.50 -11.58
N ILE C 395 -1.19 6.17 -11.35
CA ILE C 395 -0.45 5.42 -12.36
C ILE C 395 -0.78 3.94 -12.22
N ASN C 396 -1.92 3.55 -12.78
CA ASN C 396 -2.27 2.16 -13.03
C ASN C 396 -2.89 1.92 -14.40
N ASP C 397 -3.49 2.95 -15.01
CA ASP C 397 -4.06 2.87 -16.34
C ASP C 397 -3.28 3.81 -17.25
N VAL C 398 -2.89 3.32 -18.43
CA VAL C 398 -2.04 4.08 -19.34
C VAL C 398 -2.66 4.08 -20.73
N VAL C 399 -2.23 5.05 -21.53
CA VAL C 399 -2.59 5.15 -22.94
C VAL C 399 -1.30 4.98 -23.74
N GLU C 400 -1.28 3.99 -24.63
CA GLU C 400 -0.09 3.66 -25.39
C GLU C 400 -0.25 4.10 -26.84
N ILE C 401 0.79 4.74 -27.38
CA ILE C 401 0.86 5.13 -28.77
C ILE C 401 2.02 4.39 -29.41
N ARG C 402 1.73 3.60 -30.44
CA ARG C 402 2.74 2.77 -31.08
C ARG C 402 2.76 3.07 -32.58
N ASP C 403 3.97 3.10 -33.15
CA ASP C 403 4.14 3.42 -34.59
C ASP C 403 5.03 2.37 -35.26
N GLY C 404 4.68 1.09 -35.10
CA GLY C 404 5.43 0.02 -35.72
C GLY C 404 4.73 -0.66 -36.88
N GLU C 405 3.43 -0.38 -37.04
CA GLU C 405 2.56 -0.91 -38.09
C GLU C 405 2.34 -2.43 -37.99
N GLU C 406 2.96 -3.10 -37.03
CA GLU C 406 2.89 -4.55 -36.93
C GLU C 406 3.20 -4.95 -35.50
N ALA C 407 3.46 -6.24 -35.29
CA ALA C 407 3.79 -6.74 -33.95
C ALA C 407 5.07 -6.09 -33.42
N ASP C 408 5.98 -5.71 -34.31
CA ASP C 408 7.20 -4.99 -33.93
C ASP C 408 6.86 -3.50 -33.81
N SER C 409 6.05 -3.18 -32.81
CA SER C 409 5.56 -1.82 -32.63
C SER C 409 6.67 -0.92 -32.08
N LEU C 410 6.54 0.38 -32.36
CA LEU C 410 7.48 1.39 -31.90
C LEU C 410 6.75 2.32 -30.95
N LEU C 411 6.96 2.12 -29.64
CA LEU C 411 6.29 2.94 -28.64
C LEU C 411 6.81 4.37 -28.71
N LEU C 412 5.88 5.34 -28.71
CA LEU C 412 6.23 6.76 -28.80
C LEU C 412 6.18 7.43 -27.43
N ALA C 413 5.04 7.38 -26.76
CA ALA C 413 4.89 8.03 -25.46
C ALA C 413 3.73 7.39 -24.72
N VAL C 414 3.69 7.63 -23.41
CA VAL C 414 2.65 7.12 -22.53
C VAL C 414 2.03 8.30 -21.80
N TYR C 415 0.70 8.37 -21.80
CA TYR C 415 -0.04 9.47 -21.20
C TYR C 415 -1.03 8.92 -20.19
N THR C 416 -1.03 9.48 -18.98
CA THR C 416 -1.93 9.06 -17.93
C THR C 416 -2.01 10.17 -16.88
N GLY C 417 -3.06 10.09 -16.06
CA GLY C 417 -3.25 11.07 -15.01
C GLY C 417 -4.03 12.28 -15.49
N PRO C 418 -4.52 13.08 -14.56
CA PRO C 418 -5.29 14.28 -14.94
C PRO C 418 -4.39 15.36 -15.51
N GLY C 419 -5.02 16.30 -16.21
CA GLY C 419 -4.33 17.43 -16.77
C GLY C 419 -4.15 17.32 -18.27
N PRO C 420 -3.82 18.44 -18.92
CA PRO C 420 -3.60 18.42 -20.36
C PRO C 420 -2.36 17.63 -20.73
N VAL C 421 -2.37 17.08 -21.94
CA VAL C 421 -1.28 16.28 -22.46
C VAL C 421 -0.88 16.81 -23.83
N LYS C 422 0.37 16.51 -24.21
CA LYS C 422 0.92 17.02 -25.46
C LYS C 422 0.49 16.14 -26.62
N ASP C 423 0.54 16.72 -27.82
CA ASP C 423 0.19 15.99 -29.04
C ASP C 423 1.29 14.98 -29.38
N VAL C 424 0.89 13.96 -30.14
CA VAL C 424 1.79 12.88 -30.54
C VAL C 424 1.91 12.88 -32.06
N PHE C 425 3.15 12.87 -32.54
CA PHE C 425 3.43 12.82 -33.97
C PHE C 425 4.14 11.50 -34.30
N SER C 426 3.58 10.76 -35.24
CA SER C 426 4.16 9.48 -35.64
C SER C 426 5.15 9.67 -36.78
N THR C 427 5.94 8.63 -37.03
CA THR C 427 6.90 8.63 -38.14
C THR C 427 6.41 7.87 -39.35
N THR C 428 5.42 7.00 -39.15
CA THR C 428 4.86 6.18 -40.25
C THR C 428 3.40 6.56 -40.48
N ASN C 429 2.74 5.87 -41.42
CA ASN C 429 1.35 6.11 -41.76
C ASN C 429 0.37 5.35 -40.88
N ARG C 430 0.85 4.53 -39.96
CA ARG C 430 -0.01 3.74 -39.08
C ARG C 430 0.39 4.00 -37.64
N MET C 431 -0.57 4.45 -36.83
CA MET C 431 -0.38 4.66 -35.40
C MET C 431 -1.30 3.73 -34.62
N THR C 432 -0.71 3.00 -33.67
CA THR C 432 -1.46 2.07 -32.83
C THR C 432 -1.73 2.72 -31.48
N VAL C 433 -3.01 2.87 -31.14
CA VAL C 433 -3.44 3.47 -29.89
C VAL C 433 -4.00 2.37 -29.00
N LEU C 434 -3.36 2.16 -27.85
CA LEU C 434 -3.77 1.12 -26.90
C LEU C 434 -4.19 1.77 -25.60
N LEU C 435 -5.35 1.37 -25.09
CA LEU C 435 -5.90 1.88 -23.83
C LEU C 435 -6.00 0.70 -22.86
N ILE C 436 -5.07 0.64 -21.91
CA ILE C 436 -5.04 -0.41 -20.90
C ILE C 436 -5.45 0.20 -19.57
N THR C 437 -6.52 -0.33 -18.98
CA THR C 437 -7.07 0.20 -17.75
C THR C 437 -7.28 -0.93 -16.74
N ASN C 438 -7.45 -0.54 -15.48
CA ASN C 438 -7.66 -1.49 -14.40
C ASN C 438 -9.13 -1.93 -14.38
N ASP C 439 -9.52 -2.64 -13.34
CA ASP C 439 -10.88 -3.16 -13.20
C ASP C 439 -11.71 -2.36 -12.22
N VAL C 440 -11.25 -1.18 -11.79
CA VAL C 440 -11.94 -0.41 -10.76
C VAL C 440 -11.67 1.07 -10.98
N LEU C 441 -12.71 1.88 -10.77
CA LEU C 441 -12.64 3.34 -10.81
C LEU C 441 -12.19 3.83 -12.19
N ALA C 442 -13.04 3.56 -13.17
CA ALA C 442 -12.84 4.09 -14.51
C ALA C 442 -13.06 5.60 -14.52
N ARG C 443 -12.30 6.30 -15.37
CA ARG C 443 -12.39 7.74 -15.51
C ARG C 443 -13.18 8.09 -16.76
N GLY C 444 -13.21 9.39 -17.09
CA GLY C 444 -13.97 9.82 -18.26
C GLY C 444 -13.39 9.31 -19.57
N GLY C 445 -12.08 9.35 -19.70
CA GLY C 445 -11.42 8.94 -20.92
C GLY C 445 -10.74 10.10 -21.63
N PHE C 446 -10.62 9.96 -22.95
CA PHE C 446 -10.00 10.99 -23.76
C PHE C 446 -10.54 10.93 -25.17
N LYS C 447 -10.43 12.05 -25.87
CA LYS C 447 -10.88 12.19 -27.26
C LYS C 447 -9.80 12.88 -28.07
N ALA C 448 -9.80 12.64 -29.37
CA ALA C 448 -8.76 13.19 -30.23
C ALA C 448 -9.31 13.46 -31.63
N ASN C 449 -8.62 14.33 -32.35
CA ASN C 449 -8.97 14.67 -33.73
C ASN C 449 -8.39 13.70 -34.74
N PHE C 450 -7.25 13.07 -34.42
CA PHE C 450 -6.49 12.20 -35.32
C PHE C 450 -6.42 12.74 -36.75
N THR C 451 -6.22 14.05 -36.88
CA THR C 451 -6.09 14.69 -38.20
C THR C 451 -4.63 14.99 -38.46
N THR C 452 -4.15 14.61 -39.64
CA THR C 452 -2.75 14.78 -40.00
C THR C 452 -2.66 15.06 -41.50
N GLY C 453 -1.45 14.94 -42.04
CA GLY C 453 -1.19 15.23 -43.44
C GLY C 453 0.21 14.80 -43.84
N TYR C 454 0.91 15.63 -44.60
CA TYR C 454 2.26 15.33 -45.07
C TYR C 454 3.27 16.06 -44.19
N HIS C 455 4.08 15.28 -43.45
CA HIS C 455 5.19 15.80 -42.65
C HIS C 455 4.70 16.86 -41.65
N LEU C 456 3.87 16.41 -40.71
CA LEU C 456 3.39 17.25 -39.63
C LEU C 456 4.12 16.90 -38.34
N GLY C 457 4.62 17.92 -37.65
CA GLY C 457 5.44 17.74 -36.48
C GLY C 457 6.92 17.78 -36.72
N ILE C 458 7.36 17.71 -37.97
CA ILE C 458 8.78 17.80 -38.32
C ILE C 458 9.08 19.26 -38.64
N PRO C 459 10.06 19.88 -37.99
CA PRO C 459 10.36 21.29 -38.29
C PRO C 459 10.86 21.46 -39.71
N GLU C 460 10.58 22.64 -40.27
CA GLU C 460 10.98 22.94 -41.64
C GLU C 460 12.50 22.95 -41.77
N PRO C 461 13.07 22.32 -42.79
CA PRO C 461 14.53 22.34 -42.95
C PRO C 461 15.06 23.75 -43.16
N CYS C 462 16.28 23.98 -42.66
CA CYS C 462 16.90 25.29 -42.79
C CYS C 462 17.28 25.55 -44.24
N LYS C 463 17.33 26.83 -44.59
CA LYS C 463 17.66 27.28 -45.94
C LYS C 463 19.08 27.81 -45.99
N ALA C 464 19.49 28.26 -47.18
CA ALA C 464 20.81 28.82 -47.42
C ALA C 464 21.93 27.84 -47.07
N ASP C 465 21.66 26.54 -47.23
CA ASP C 465 22.63 25.49 -46.94
C ASP C 465 23.14 25.58 -45.50
N HIS C 466 22.24 25.89 -44.57
CA HIS C 466 22.60 25.96 -43.16
C HIS C 466 22.35 24.62 -42.49
N PHE C 467 23.30 24.21 -41.64
CA PHE C 467 23.15 22.96 -40.91
C PHE C 467 22.01 23.06 -39.92
N GLN C 468 21.21 22.00 -39.85
CA GLN C 468 20.04 21.94 -38.98
C GLN C 468 20.32 20.97 -37.83
N CYS C 469 20.15 21.45 -36.61
CA CYS C 469 20.33 20.60 -35.43
C CYS C 469 18.99 19.91 -35.10
N LYS C 470 18.93 19.26 -33.94
CA LYS C 470 17.70 18.57 -33.55
C LYS C 470 16.56 19.56 -33.28
N ASN C 471 16.90 20.76 -32.82
CA ASN C 471 15.88 21.77 -32.55
C ASN C 471 15.46 22.55 -33.79
N GLY C 472 16.13 22.34 -34.92
CA GLY C 472 15.78 23.04 -36.15
C GLY C 472 16.45 24.38 -36.32
N GLU C 473 17.35 24.78 -35.44
CA GLU C 473 18.01 26.06 -35.56
C GLU C 473 19.06 26.02 -36.68
N CYS C 474 19.55 27.19 -37.06
CA CYS C 474 20.49 27.34 -38.16
C CYS C 474 21.92 27.37 -37.64
N VAL C 475 22.78 26.55 -38.23
CA VAL C 475 24.20 26.51 -37.89
C VAL C 475 25.00 26.65 -39.18
N PRO C 476 25.08 27.85 -39.76
CA PRO C 476 25.74 27.99 -41.06
C PRO C 476 27.21 27.60 -41.06
N LEU C 477 28.03 28.31 -40.28
CA LEU C 477 29.46 28.06 -40.26
C LEU C 477 30.06 27.96 -38.86
N VAL C 478 29.54 28.72 -37.90
CA VAL C 478 30.26 28.97 -36.66
C VAL C 478 30.41 27.68 -35.84
N ASN C 479 29.32 26.95 -35.67
CA ASN C 479 29.28 25.82 -34.73
C ASN C 479 29.34 24.48 -35.46
N LEU C 480 30.14 24.40 -36.52
CA LEU C 480 30.29 23.16 -37.30
C LEU C 480 31.45 22.36 -36.73
N CYS C 481 31.14 21.61 -35.65
CA CYS C 481 32.11 20.71 -35.02
C CYS C 481 33.39 21.45 -34.61
N ASP C 482 33.20 22.64 -34.03
CA ASP C 482 34.33 23.49 -33.64
C ASP C 482 34.29 23.83 -32.16
N GLY C 483 33.65 22.99 -31.36
CA GLY C 483 33.62 23.22 -29.92
C GLY C 483 32.87 24.47 -29.48
N HIS C 484 31.72 24.72 -30.08
CA HIS C 484 30.88 25.87 -29.73
C HIS C 484 29.52 25.36 -29.24
N LEU C 485 28.60 26.30 -29.04
CA LEU C 485 27.26 25.94 -28.55
C LEU C 485 26.25 26.86 -29.21
N HIS C 486 25.40 26.30 -30.07
CA HIS C 486 24.33 27.05 -30.73
C HIS C 486 22.95 26.57 -30.31
N CYS C 487 22.67 25.28 -30.46
CA CYS C 487 21.38 24.72 -30.11
C CYS C 487 21.39 24.19 -28.68
N GLU C 488 20.22 24.21 -28.05
CA GLU C 488 20.10 23.74 -26.67
C GLU C 488 20.40 22.25 -26.57
N ASP C 489 19.95 21.47 -27.56
CA ASP C 489 20.17 20.03 -27.54
C ASP C 489 21.65 19.67 -27.63
N GLY C 490 22.48 20.54 -28.20
CA GLY C 490 23.90 20.28 -28.32
C GLY C 490 24.31 19.39 -29.47
N SER C 491 23.38 19.06 -30.37
CA SER C 491 23.71 18.20 -31.51
C SER C 491 24.58 18.91 -32.54
N ASP C 492 24.76 20.23 -32.43
CA ASP C 492 25.63 20.95 -33.36
C ASP C 492 27.09 20.53 -33.22
N GLU C 493 27.46 19.88 -32.11
CA GLU C 493 28.82 19.39 -31.88
C GLU C 493 28.92 17.89 -32.08
N ALA C 494 28.22 17.35 -33.07
CA ALA C 494 28.29 15.93 -33.36
C ALA C 494 29.71 15.54 -33.76
N ASP C 495 30.09 14.31 -33.41
CA ASP C 495 31.45 13.84 -33.66
C ASP C 495 31.75 13.80 -35.16
N CYS C 496 32.63 14.68 -35.62
CA CYS C 496 33.05 14.74 -37.00
C CYS C 496 34.38 14.03 -37.23
N VAL C 497 34.89 13.33 -36.23
CA VAL C 497 36.15 12.60 -36.30
C VAL C 497 35.86 11.13 -36.07
N ARG C 498 36.37 10.27 -36.94
CA ARG C 498 36.14 8.83 -36.83
C ARG C 498 37.33 8.09 -37.40
N PHE C 499 37.47 6.83 -36.99
CA PHE C 499 38.53 5.98 -37.51
C PHE C 499 38.19 5.54 -38.94
N PHE C 500 39.22 5.46 -39.78
CA PHE C 500 39.07 5.06 -41.17
C PHE C 500 40.11 3.99 -41.47
N ASN C 501 39.69 2.95 -42.22
CA ASN C 501 40.55 1.82 -42.54
C ASN C 501 41.14 1.18 -41.27
N GLY C 502 40.30 1.08 -40.24
CA GLY C 502 40.74 0.54 -38.97
C GLY C 502 40.53 -0.96 -38.86
N THR C 503 40.91 -1.49 -37.70
CA THR C 503 40.77 -2.91 -37.41
C THR C 503 39.92 -3.17 -36.17
N THR C 504 40.08 -2.38 -35.11
CA THR C 504 39.31 -2.52 -33.88
C THR C 504 38.54 -1.23 -33.62
N ASN C 505 37.88 -1.18 -32.45
CA ASN C 505 37.09 -0.02 -32.09
C ASN C 505 37.92 1.18 -31.71
N ASN C 506 39.23 1.00 -31.48
CA ASN C 506 40.10 2.11 -31.08
C ASN C 506 41.32 2.26 -31.99
N ASN C 507 41.50 1.37 -32.96
CA ASN C 507 42.65 1.41 -33.85
C ASN C 507 42.18 1.76 -35.26
N GLY C 508 42.78 2.79 -35.84
CA GLY C 508 42.43 3.20 -37.17
C GLY C 508 43.09 4.51 -37.53
N LEU C 509 43.04 4.81 -38.83
CA LEU C 509 43.62 6.06 -39.33
C LEU C 509 42.75 7.25 -38.95
N VAL C 510 43.37 8.41 -38.90
CA VAL C 510 42.69 9.64 -38.50
C VAL C 510 41.91 10.19 -39.69
N ARG C 511 40.63 10.49 -39.46
CA ARG C 511 39.77 11.11 -40.46
C ARG C 511 39.05 12.29 -39.83
N PHE C 512 39.11 13.44 -40.48
CA PHE C 512 38.55 14.68 -39.94
C PHE C 512 37.62 15.32 -40.95
N ARG C 513 36.63 16.05 -40.43
CA ARG C 513 35.70 16.82 -41.25
C ARG C 513 35.50 18.17 -40.57
N ILE C 514 36.17 19.20 -41.09
CA ILE C 514 36.09 20.52 -40.47
C ILE C 514 34.66 21.07 -40.59
N GLN C 515 34.18 21.23 -41.81
CA GLN C 515 32.81 21.69 -42.04
C GLN C 515 31.98 20.70 -42.83
N SER C 516 32.37 20.38 -44.06
CA SER C 516 31.60 19.45 -44.88
C SER C 516 32.47 18.49 -45.68
N ILE C 517 33.79 18.52 -45.50
CA ILE C 517 34.71 17.74 -46.31
C ILE C 517 35.49 16.80 -45.39
N TRP C 518 35.46 15.51 -45.71
CA TRP C 518 36.21 14.50 -44.96
C TRP C 518 37.65 14.44 -45.48
N HIS C 519 38.61 14.51 -44.57
CA HIS C 519 40.01 14.45 -44.93
C HIS C 519 40.82 13.97 -43.74
N THR C 520 42.04 13.50 -44.01
CA THR C 520 42.92 13.00 -42.98
C THR C 520 43.78 14.14 -42.44
N ALA C 521 44.80 13.80 -41.65
CA ALA C 521 45.69 14.78 -41.04
C ALA C 521 47.14 14.38 -41.29
N CYS C 522 48.01 15.38 -41.37
CA CYS C 522 49.43 15.15 -41.60
C CYS C 522 50.13 14.78 -40.30
N ALA C 523 51.43 14.51 -40.41
CA ALA C 523 52.26 14.13 -39.27
C ALA C 523 53.48 15.04 -39.17
N GLU C 524 53.31 16.31 -39.50
CA GLU C 524 54.44 17.25 -39.47
C GLU C 524 54.73 17.69 -38.04
N ASN C 525 53.69 18.03 -37.27
CA ASN C 525 53.87 18.53 -35.91
C ASN C 525 53.01 17.75 -34.92
N TRP C 526 52.75 16.48 -35.21
CA TRP C 526 51.97 15.64 -34.32
C TRP C 526 52.71 15.41 -33.02
N THR C 527 51.98 15.45 -31.90
CA THR C 527 52.58 15.28 -30.58
C THR C 527 51.55 14.62 -29.66
N THR C 528 51.95 14.44 -28.39
CA THR C 528 51.06 13.82 -27.42
C THR C 528 49.84 14.68 -27.15
N GLN C 529 50.02 16.00 -27.09
CA GLN C 529 48.89 16.90 -26.83
C GLN C 529 47.84 16.78 -27.93
N ILE C 530 48.27 16.72 -29.19
CA ILE C 530 47.35 16.52 -30.29
C ILE C 530 46.69 15.15 -30.17
N SER C 531 47.44 14.15 -29.71
CA SER C 531 46.89 12.81 -29.54
C SER C 531 45.73 12.83 -28.54
N ASN C 532 45.92 13.47 -27.39
CA ASN C 532 44.83 13.51 -26.41
C ASN C 532 43.69 14.43 -26.87
N ASP C 533 44.00 15.46 -27.66
CA ASP C 533 42.93 16.28 -28.22
C ASP C 533 42.05 15.47 -29.15
N VAL C 534 42.66 14.65 -30.02
CA VAL C 534 41.87 13.79 -30.90
C VAL C 534 41.14 12.73 -30.10
N CYS C 535 41.77 12.21 -29.03
CA CYS C 535 41.10 11.28 -28.15
C CYS C 535 39.82 11.88 -27.59
N GLN C 536 39.90 13.12 -27.11
CA GLN C 536 38.70 13.81 -26.62
C GLN C 536 37.68 14.01 -27.74
N LEU C 537 38.16 14.37 -28.94
CA LEU C 537 37.26 14.50 -30.08
C LEU C 537 36.66 13.16 -30.48
N LEU C 538 37.36 12.07 -30.21
CA LEU C 538 36.87 10.73 -30.50
C LEU C 538 36.11 10.11 -29.32
N GLY C 539 36.03 10.81 -28.19
CA GLY C 539 35.34 10.26 -27.04
C GLY C 539 35.98 9.03 -26.46
N LEU C 540 37.30 9.03 -26.34
CA LEU C 540 38.05 7.91 -25.79
C LEU C 540 38.88 8.38 -24.60
N GLY C 541 39.70 7.48 -24.07
CA GLY C 541 40.48 7.77 -22.87
C GLY C 541 41.82 8.41 -23.18
N SER C 542 42.86 7.99 -22.45
CA SER C 542 44.19 8.54 -22.65
C SER C 542 44.79 8.04 -23.96
N GLY C 543 45.72 8.83 -24.50
CA GLY C 543 46.34 8.47 -25.75
C GLY C 543 47.26 7.28 -25.62
N ASN C 544 47.42 6.57 -26.73
CA ASN C 544 48.30 5.40 -26.81
C ASN C 544 49.29 5.58 -27.95
N SER C 545 50.35 4.78 -27.91
CA SER C 545 51.40 4.88 -28.93
C SER C 545 50.84 4.53 -30.31
N SER C 546 51.30 5.28 -31.31
CA SER C 546 50.84 5.09 -32.68
C SER C 546 52.04 5.13 -33.62
N LYS C 547 51.89 4.50 -34.79
CA LYS C 547 52.95 4.41 -35.77
C LYS C 547 52.40 4.74 -37.16
N PRO C 548 53.03 5.64 -37.90
CA PRO C 548 52.58 5.92 -39.27
C PRO C 548 52.83 4.73 -40.18
N ILE C 549 52.03 4.66 -41.25
CA ILE C 549 52.10 3.57 -42.22
C ILE C 549 52.55 4.07 -43.59
N PHE C 550 51.76 4.94 -44.22
CA PHE C 550 52.07 5.44 -45.55
C PHE C 550 51.15 6.60 -45.89
N PRO C 551 51.65 7.62 -46.60
CA PRO C 551 50.78 8.73 -47.02
C PRO C 551 49.87 8.33 -48.17
N THR C 552 48.77 7.64 -47.86
CA THR C 552 47.84 7.15 -48.87
C THR C 552 46.76 8.15 -49.23
N ASP C 553 46.70 9.30 -48.56
CA ASP C 553 45.67 10.30 -48.81
C ASP C 553 46.29 11.47 -49.56
N GLY C 554 45.90 11.63 -50.83
CA GLY C 554 46.33 12.74 -51.64
C GLY C 554 45.44 13.96 -51.59
N GLY C 555 44.41 13.96 -50.74
CA GLY C 555 43.49 15.06 -50.66
C GLY C 555 43.97 16.16 -49.74
N PRO C 556 43.12 17.16 -49.50
CA PRO C 556 43.49 18.30 -48.64
C PRO C 556 43.51 17.95 -47.15
N PHE C 557 44.61 17.34 -46.72
CA PHE C 557 44.79 17.00 -45.33
C PHE C 557 44.91 18.26 -44.47
N VAL C 558 44.49 18.15 -43.22
CA VAL C 558 44.48 19.27 -42.29
C VAL C 558 45.67 19.16 -41.36
N LYS C 559 46.37 20.28 -41.15
CA LYS C 559 47.51 20.34 -40.25
C LYS C 559 47.03 20.73 -38.85
N LEU C 560 47.40 19.91 -37.87
CA LEU C 560 46.99 20.11 -36.48
C LEU C 560 48.13 20.70 -35.68
N ASN C 561 47.84 21.76 -34.94
CA ASN C 561 48.82 22.43 -34.10
C ASN C 561 48.21 22.79 -32.76
N THR C 562 49.07 22.91 -31.76
CA THR C 562 48.63 23.25 -30.41
C THR C 562 48.58 24.76 -30.23
N ALA C 563 47.69 25.21 -29.36
CA ALA C 563 47.50 26.62 -29.08
C ALA C 563 47.46 26.85 -27.58
N PRO C 564 47.90 28.03 -27.11
CA PRO C 564 47.92 28.28 -25.66
C PRO C 564 46.54 28.31 -25.02
N ASP C 565 45.48 28.54 -25.78
CA ASP C 565 44.14 28.62 -25.21
C ASP C 565 43.47 27.27 -25.04
N GLY C 566 44.14 26.18 -25.43
CA GLY C 566 43.57 24.85 -25.30
C GLY C 566 42.73 24.39 -26.47
N HIS C 567 42.59 25.20 -27.51
CA HIS C 567 41.81 24.84 -28.68
C HIS C 567 42.74 24.34 -29.78
N LEU C 568 42.42 23.16 -30.33
CA LEU C 568 43.25 22.59 -31.39
C LEU C 568 43.13 23.42 -32.66
N ILE C 569 44.26 23.66 -33.31
CA ILE C 569 44.31 24.44 -34.53
C ILE C 569 44.16 23.51 -35.74
N LEU C 570 43.17 23.78 -36.58
CA LEU C 570 42.90 23.00 -37.77
C LEU C 570 43.16 23.87 -38.99
N THR C 571 44.25 23.60 -39.70
CA THR C 571 44.61 24.35 -40.89
C THR C 571 44.43 23.47 -42.12
N PRO C 572 43.39 23.69 -42.93
CA PRO C 572 43.19 22.86 -44.14
C PRO C 572 44.10 23.29 -45.30
N SER C 573 45.40 23.06 -45.12
CA SER C 573 46.40 23.41 -46.12
C SER C 573 47.29 22.21 -46.40
N GLN C 574 47.62 22.02 -47.67
CA GLN C 574 48.47 20.91 -48.10
C GLN C 574 49.94 21.32 -47.99
N GLN C 575 50.38 21.45 -46.74
CA GLN C 575 51.76 21.82 -46.43
C GLN C 575 52.31 20.85 -45.39
N CYS C 576 53.17 19.93 -45.84
CA CYS C 576 53.77 18.96 -44.94
C CYS C 576 55.03 18.41 -45.59
N LEU C 577 56.06 18.18 -44.77
CA LEU C 577 57.32 17.62 -45.23
C LEU C 577 57.40 16.16 -44.78
N GLN C 578 57.63 15.26 -45.75
CA GLN C 578 57.68 13.82 -45.49
C GLN C 578 56.40 13.34 -44.80
N ASP C 579 55.30 13.54 -45.50
CA ASP C 579 53.99 13.19 -44.96
C ASP C 579 53.86 11.67 -44.78
N SER C 580 53.17 11.29 -43.70
CA SER C 580 52.92 9.88 -43.42
C SER C 580 51.69 9.78 -42.54
N LEU C 581 50.63 9.15 -43.06
CA LEU C 581 49.39 9.03 -42.30
C LEU C 581 49.60 8.18 -41.05
N ILE C 582 49.08 8.66 -39.93
CA ILE C 582 49.29 8.03 -38.63
C ILE C 582 48.14 7.09 -38.33
N ARG C 583 48.46 5.86 -37.94
CA ARG C 583 47.45 4.89 -37.48
C ARG C 583 47.25 5.12 -35.99
N LEU C 584 46.46 6.15 -35.66
CA LEU C 584 46.31 6.57 -34.28
C LEU C 584 45.54 5.53 -33.46
N GLN C 585 46.01 5.29 -32.25
CA GLN C 585 45.36 4.39 -31.30
C GLN C 585 45.16 5.14 -29.99
N CYS C 586 43.95 5.08 -29.44
CA CYS C 586 43.63 5.70 -28.17
C CYS C 586 43.05 4.66 -27.22
N ASN C 587 43.41 4.76 -25.94
CA ASN C 587 42.90 3.84 -24.95
C ASN C 587 41.44 4.13 -24.63
N HIS C 588 40.78 3.16 -24.02
CA HIS C 588 39.39 3.31 -23.65
C HIS C 588 39.23 4.29 -22.49
N LYS C 589 38.01 4.77 -22.32
CA LYS C 589 37.69 5.68 -21.23
C LYS C 589 37.73 4.95 -19.90
N SER C 590 37.52 5.70 -18.82
CA SER C 590 37.47 5.11 -17.48
C SER C 590 36.17 4.33 -17.31
N CYS C 591 36.20 3.04 -17.59
CA CYS C 591 35.00 2.20 -17.51
C CYS C 591 34.76 1.74 -16.08
N GLY C 592 33.92 0.73 -15.91
CA GLY C 592 33.55 0.27 -14.58
C GLY C 592 34.61 -0.55 -13.89
N LYS C 593 35.73 0.07 -13.53
CA LYS C 593 36.78 -0.56 -12.76
C LYS C 593 36.59 -0.26 -11.28
N LYS C 594 37.01 -1.20 -10.43
CA LYS C 594 36.94 -1.04 -8.98
C LYS C 594 38.15 -0.23 -8.51
N LEU C 595 38.13 1.06 -8.86
CA LEU C 595 39.20 1.97 -8.50
C LEU C 595 39.07 2.53 -7.09
N ALA C 596 37.99 2.20 -6.38
CA ALA C 596 37.82 2.68 -5.02
C ALA C 596 38.78 1.96 -4.08
N ALA C 597 38.91 2.49 -2.87
CA ALA C 597 39.79 1.92 -1.85
C ALA C 597 39.13 0.67 -1.28
N GLN C 598 39.30 -0.43 -1.99
CA GLN C 598 38.72 -1.71 -1.60
C GLN C 598 39.81 -2.62 -1.04
N ASP C 599 39.55 -3.20 0.12
CA ASP C 599 40.50 -4.09 0.78
C ASP C 599 39.75 -5.25 1.40
N ILE C 600 40.46 -6.36 1.62
CA ILE C 600 39.90 -7.56 2.19
C ILE C 600 40.57 -7.83 3.52
N THR C 601 39.87 -8.56 4.39
CA THR C 601 40.38 -8.91 5.70
C THR C 601 41.18 -10.20 5.63
N PRO C 602 42.48 -10.18 5.94
CA PRO C 602 43.30 -11.41 5.86
C PRO C 602 43.09 -12.32 7.07
N LYS C 603 41.88 -12.84 7.21
CA LYS C 603 41.55 -13.75 8.30
C LYS C 603 40.77 -14.96 7.79
#